data_6CA4
#
_entry.id   6CA4
#
_cell.length_a   57.034
_cell.length_b   98.260
_cell.length_c   134.740
_cell.angle_alpha   90.00
_cell.angle_beta   90.00
_cell.angle_gamma   90.00
#
_symmetry.space_group_name_H-M   'P 21 21 21'
#
loop_
_entity.id
_entity.type
_entity.pdbx_description
1 polymer 'Tyrosyl-DNA phosphodiesterase 2'
2 non-polymer 'MAGNESIUM ION'
3 non-polymer 1,2-ETHANEDIOL
4 non-polymer 'MALONATE ION'
5 water water
#
_entity_poly.entity_id   1
_entity_poly.type   'polypeptide(L)'
_entity_poly.pdbx_seq_one_letter_code
;SSKLSIISWNVDGLDTNNLSDRARGLCSYLALYTPDVVFLQELIPAYVQYLKKRAVSYLFFEGSDDGYFTGIMLRKSRVK
FLESEIICFPTTQMMRNLLIAQVTFSGQKLYLMTSHLESTRNQSQERTKQLRVVLQKIKEAPEDAIVIFAGDTNLRDAEV
ANVGGLPAGVCDVWEQLGKQEHCRYTWDTQANSNLGITAACKLRFDRIFLRSAKTAPPVTPDHMALIGMEKLDCGRYTSD
HWGIYCTFNT
;
_entity_poly.pdbx_strand_id   A,B,C
#
loop_
_chem_comp.id
_chem_comp.type
_chem_comp.name
_chem_comp.formula
EDO non-polymer 1,2-ETHANEDIOL 'C2 H6 O2'
MG non-polymer 'MAGNESIUM ION' 'Mg 2'
MLI non-polymer 'MALONATE ION' 'C3 H2 O4 -2'
#
# COMPACT_ATOMS: atom_id res chain seq x y z
N SER A 1 -19.53 5.64 -10.63
CA SER A 1 -19.82 5.52 -9.21
C SER A 1 -20.45 6.80 -8.68
N SER A 2 -21.60 6.67 -8.02
CA SER A 2 -22.24 7.82 -7.41
C SER A 2 -21.42 8.42 -6.28
N LYS A 3 -20.34 7.78 -5.87
CA LYS A 3 -19.52 8.27 -4.77
C LYS A 3 -18.68 9.46 -5.21
N LEU A 4 -18.67 10.51 -4.39
CA LEU A 4 -17.79 11.64 -4.61
C LEU A 4 -16.46 11.33 -3.93
N SER A 5 -15.37 11.64 -4.63
CA SER A 5 -14.02 11.46 -4.09
C SER A 5 -13.31 12.80 -4.04
N ILE A 6 -12.51 12.99 -2.98
CA ILE A 6 -11.76 14.22 -2.82
C ILE A 6 -10.36 13.90 -2.32
N ILE A 7 -9.43 14.82 -2.59
CA ILE A 7 -8.12 14.85 -1.97
C ILE A 7 -7.93 16.23 -1.39
N SER A 8 -7.35 16.30 -0.18
CA SER A 8 -6.97 17.56 0.45
C SER A 8 -5.51 17.46 0.86
N TRP A 9 -4.73 18.50 0.58
CA TRP A 9 -3.29 18.40 0.82
C TRP A 9 -2.65 19.77 0.92
N ASN A 10 -1.90 20.00 1.99
CA ASN A 10 -0.98 21.13 2.10
C ASN A 10 0.31 20.74 1.39
N VAL A 11 0.64 21.42 0.29
CA VAL A 11 1.72 20.98 -0.57
C VAL A 11 3.07 21.55 -0.13
N ASP A 12 3.10 22.34 0.93
CA ASP A 12 4.35 22.84 1.52
C ASP A 12 5.14 23.64 0.48
N GLY A 13 4.45 24.55 -0.19
CA GLY A 13 5.09 25.39 -1.18
C GLY A 13 6.07 26.40 -0.61
N LEU A 14 6.05 26.62 0.70
CA LEU A 14 7.02 27.51 1.32
C LEU A 14 8.38 26.85 1.50
N ASP A 15 8.49 25.55 1.26
CA ASP A 15 9.77 24.85 1.24
C ASP A 15 10.20 24.70 -0.21
N THR A 16 11.22 25.46 -0.63
CA THR A 16 11.62 25.45 -2.02
C THR A 16 12.57 24.30 -2.37
N ASN A 17 13.07 23.56 -1.38
CA ASN A 17 13.94 22.44 -1.66
C ASN A 17 13.24 21.41 -2.53
N ASN A 18 13.82 21.10 -3.69
CA ASN A 18 13.30 20.06 -4.58
C ASN A 18 11.82 20.28 -4.92
N LEU A 19 11.40 21.54 -5.02
CA LEU A 19 9.97 21.80 -5.21
C LEU A 19 9.47 21.23 -6.52
N SER A 20 10.28 21.30 -7.58
CA SER A 20 9.86 20.76 -8.87
C SER A 20 9.64 19.26 -8.80
N ASP A 21 10.59 18.53 -8.21
CA ASP A 21 10.43 17.10 -8.05
C ASP A 21 9.20 16.77 -7.22
N ARG A 22 8.97 17.53 -6.16
CA ARG A 22 7.82 17.27 -5.29
C ARG A 22 6.50 17.63 -5.98
N ALA A 23 6.49 18.68 -6.81
CA ALA A 23 5.29 18.97 -7.60
C ALA A 23 5.01 17.86 -8.60
N ARG A 24 6.06 17.31 -9.22
CA ARG A 24 5.88 16.13 -10.06
C ARG A 24 5.26 14.99 -9.26
N GLY A 25 5.76 14.78 -8.04
CA GLY A 25 5.19 13.75 -7.18
C GLY A 25 3.72 13.98 -6.90
N LEU A 26 3.36 15.21 -6.52
CA LEU A 26 1.97 15.51 -6.25
C LEU A 26 1.10 15.20 -7.47
N CYS A 27 1.54 15.64 -8.64
CA CYS A 27 0.77 15.41 -9.86
C CYS A 27 0.55 13.92 -10.09
N SER A 28 1.57 13.10 -9.82
CA SER A 28 1.43 11.66 -10.03
C SER A 28 0.38 11.07 -9.08
N TYR A 29 0.31 11.57 -7.85
CA TYR A 29 -0.73 11.11 -6.94
C TYR A 29 -2.11 11.54 -7.42
N LEU A 30 -2.24 12.79 -7.86
CA LEU A 30 -3.53 13.28 -8.36
C LEU A 30 -3.98 12.45 -9.56
N ALA A 31 -3.06 12.10 -10.45
CA ALA A 31 -3.41 11.30 -11.62
C ALA A 31 -3.85 9.90 -11.21
N LEU A 32 -3.14 9.28 -10.25
CA LEU A 32 -3.44 7.91 -9.85
C LEU A 32 -4.87 7.79 -9.32
N TYR A 33 -5.29 8.76 -8.50
CA TYR A 33 -6.61 8.70 -7.88
C TYR A 33 -7.68 9.40 -8.71
N THR A 34 -7.31 10.37 -9.55
CA THR A 34 -8.23 11.18 -10.35
C THR A 34 -9.46 11.57 -9.50
N PRO A 35 -9.26 12.32 -8.43
CA PRO A 35 -10.39 12.66 -7.56
C PRO A 35 -11.32 13.65 -8.23
N ASP A 36 -12.56 13.67 -7.74
CA ASP A 36 -13.54 14.62 -8.26
C ASP A 36 -13.21 16.04 -7.85
N VAL A 37 -12.65 16.22 -6.65
CA VAL A 37 -12.31 17.53 -6.11
C VAL A 37 -10.93 17.43 -5.46
N VAL A 38 -10.10 18.45 -5.66
CA VAL A 38 -8.84 18.58 -4.95
C VAL A 38 -8.86 19.89 -4.16
N PHE A 39 -8.56 19.81 -2.87
CA PHE A 39 -8.39 20.97 -2.01
C PHE A 39 -6.90 21.10 -1.70
N LEU A 40 -6.30 22.21 -2.08
CA LEU A 40 -4.86 22.39 -1.89
C LEU A 40 -4.57 23.62 -1.05
N GLN A 41 -3.53 23.52 -0.22
CA GLN A 41 -3.08 24.65 0.58
C GLN A 41 -1.58 24.88 0.42
N GLU A 42 -1.18 26.13 0.61
CA GLU A 42 0.22 26.56 0.53
C GLU A 42 0.79 26.36 -0.87
N LEU A 43 -0.03 26.63 -1.88
CA LEU A 43 0.48 26.78 -3.24
C LEU A 43 1.25 28.09 -3.39
N ILE A 44 2.17 28.12 -4.35
CA ILE A 44 2.79 29.37 -4.81
C ILE A 44 2.56 29.45 -6.32
N PRO A 45 2.76 30.62 -6.93
CA PRO A 45 2.43 30.73 -8.35
C PRO A 45 3.12 29.70 -9.24
N ALA A 46 4.43 29.48 -9.06
CA ALA A 46 5.13 28.50 -9.90
C ALA A 46 4.54 27.11 -9.74
N TYR A 47 4.01 26.80 -8.55
CA TYR A 47 3.45 25.48 -8.28
C TYR A 47 2.13 25.29 -9.02
N VAL A 48 1.23 26.27 -8.90
CA VAL A 48 -0.06 26.13 -9.55
C VAL A 48 0.09 26.21 -11.07
N GLN A 49 1.08 26.98 -11.56
CA GLN A 49 1.33 27.00 -12.99
C GLN A 49 1.74 25.63 -13.49
N TYR A 50 2.57 24.93 -12.72
CA TYR A 50 2.98 23.58 -13.11
C TYR A 50 1.78 22.63 -13.13
N LEU A 51 0.92 22.69 -12.11
CA LEU A 51 -0.24 21.81 -12.05
C LEU A 51 -1.19 22.08 -13.21
N LYS A 52 -1.39 23.35 -13.57
CA LYS A 52 -2.32 23.67 -14.65
C LYS A 52 -1.84 23.14 -15.99
N LYS A 53 -0.53 23.13 -16.21
CA LYS A 53 -0.01 22.58 -17.47
C LYS A 53 -0.27 21.10 -17.59
N ARG A 54 -0.34 20.38 -16.48
CA ARG A 54 -0.48 18.93 -16.51
C ARG A 54 -1.91 18.45 -16.25
N ALA A 55 -2.74 19.22 -15.53
CA ALA A 55 -4.06 18.74 -15.18
C ALA A 55 -5.17 19.47 -15.94
N VAL A 56 -5.18 19.38 -17.26
CA VAL A 56 -6.08 20.20 -18.07
C VAL A 56 -7.50 19.63 -18.06
N SER A 57 -7.70 18.48 -17.40
CA SER A 57 -9.04 17.96 -17.20
C SER A 57 -9.71 18.54 -15.95
N TYR A 58 -9.08 19.50 -15.30
CA TYR A 58 -9.61 20.10 -14.08
C TYR A 58 -9.75 21.60 -14.23
N LEU A 59 -10.82 22.15 -13.66
CA LEU A 59 -10.95 23.58 -13.47
C LEU A 59 -10.19 23.98 -12.21
N PHE A 60 -9.51 25.12 -12.26
CA PHE A 60 -8.71 25.61 -11.13
C PHE A 60 -9.31 26.90 -10.56
N PHE A 61 -9.22 27.03 -9.23
CA PHE A 61 -9.59 28.24 -8.53
C PHE A 61 -8.52 28.45 -7.47
N GLU A 62 -8.09 29.70 -7.30
CA GLU A 62 -7.02 30.01 -6.35
C GLU A 62 -7.45 31.06 -5.35
N GLY A 63 -6.90 30.97 -4.14
CA GLY A 63 -7.22 31.93 -3.10
C GLY A 63 -6.48 33.25 -3.21
N SER A 64 -5.45 33.31 -4.05
CA SER A 64 -4.76 34.56 -4.34
C SER A 64 -3.93 34.36 -5.61
N ASP A 65 -3.29 35.43 -6.05
CA ASP A 65 -2.32 35.40 -7.15
C ASP A 65 -0.94 35.84 -6.71
N ASP A 66 -0.70 35.92 -5.40
CA ASP A 66 0.52 36.48 -4.84
C ASP A 66 0.83 35.74 -3.55
N GLY A 67 2.11 35.68 -3.18
CA GLY A 67 2.49 35.01 -1.95
C GLY A 67 2.23 33.51 -2.03
N TYR A 68 1.55 32.98 -1.02
CA TYR A 68 1.15 31.58 -0.99
C TYR A 68 -0.34 31.53 -0.66
N PHE A 69 -1.00 30.47 -1.12
CA PHE A 69 -2.46 30.49 -1.12
C PHE A 69 -3.05 29.10 -1.36
N THR A 70 -4.36 29.01 -1.21
CA THR A 70 -5.07 27.76 -1.41
C THR A 70 -5.56 27.62 -2.85
N GLY A 71 -6.09 26.44 -3.14
CA GLY A 71 -6.68 26.20 -4.44
C GLY A 71 -7.71 25.10 -4.39
N ILE A 72 -8.62 25.13 -5.36
CA ILE A 72 -9.60 24.06 -5.53
C ILE A 72 -9.52 23.62 -6.98
N MET A 73 -9.46 22.31 -7.20
CA MET A 73 -9.53 21.73 -8.54
C MET A 73 -10.82 20.92 -8.65
N LEU A 74 -11.48 21.04 -9.79
CA LEU A 74 -12.75 20.35 -10.04
C LEU A 74 -12.61 19.50 -11.30
N ARG A 75 -12.90 18.21 -11.17
CA ARG A 75 -12.86 17.30 -12.30
C ARG A 75 -14.01 17.60 -13.25
N LYS A 76 -13.70 18.07 -14.46
CA LYS A 76 -14.72 18.66 -15.31
C LYS A 76 -15.72 17.63 -15.82
N SER A 77 -15.30 16.38 -15.98
CA SER A 77 -16.20 15.34 -16.45
C SER A 77 -17.21 14.93 -15.39
N ARG A 78 -17.03 15.35 -14.14
CA ARG A 78 -17.83 14.87 -13.02
C ARG A 78 -18.58 15.95 -12.27
N VAL A 79 -18.12 17.19 -12.33
CA VAL A 79 -18.60 18.28 -11.49
C VAL A 79 -18.90 19.47 -12.40
N LYS A 80 -20.11 20.02 -12.28
CA LYS A 80 -20.50 21.20 -13.03
C LYS A 80 -20.34 22.45 -12.17
N PHE A 81 -19.59 23.41 -12.68
CA PHE A 81 -19.30 24.61 -11.93
C PHE A 81 -20.45 25.62 -12.01
N LEU A 82 -20.76 26.22 -10.87
CA LEU A 82 -21.75 27.28 -10.81
C LEU A 82 -21.14 28.64 -10.50
N GLU A 83 -20.44 28.78 -9.38
CA GLU A 83 -19.78 30.05 -9.08
C GLU A 83 -18.80 29.84 -7.94
N SER A 84 -17.96 30.85 -7.73
CA SER A 84 -16.94 30.81 -6.69
C SER A 84 -16.84 32.16 -6.01
N GLU A 85 -16.23 32.15 -4.81
CA GLU A 85 -15.98 33.39 -4.10
C GLU A 85 -14.88 33.18 -3.08
N ILE A 86 -14.35 34.29 -2.60
CA ILE A 86 -13.38 34.28 -1.50
C ILE A 86 -13.96 35.12 -0.37
N ILE A 87 -13.92 34.56 0.83
CA ILE A 87 -14.35 35.26 2.05
C ILE A 87 -13.09 35.65 2.81
N CYS A 88 -12.95 36.93 3.13
N CYS A 88 -13.00 36.93 3.15
CA CYS A 88 -11.72 37.41 3.76
CA CYS A 88 -11.85 37.47 3.85
C CYS A 88 -11.76 37.16 5.26
C CYS A 88 -11.78 36.94 5.28
N PHE A 89 -10.57 36.91 5.82
CA PHE A 89 -10.31 36.76 7.24
C PHE A 89 -9.73 38.10 7.71
N PRO A 90 -10.54 39.02 8.22
CA PRO A 90 -10.05 40.41 8.35
C PRO A 90 -8.82 40.59 9.27
N THR A 91 -8.56 39.68 10.20
CA THR A 91 -7.44 39.85 11.11
C THR A 91 -6.36 38.79 10.92
N THR A 92 -6.31 38.13 9.77
CA THR A 92 -5.20 37.22 9.49
C THR A 92 -3.90 38.00 9.39
N GLN A 93 -2.83 37.39 9.88
CA GLN A 93 -1.48 37.92 9.70
C GLN A 93 -0.73 37.20 8.60
N MET A 94 -1.37 36.24 7.91
CA MET A 94 -0.68 35.34 7.00
C MET A 94 -1.47 35.15 5.72
N MET A 95 -2.29 36.14 5.37
CA MET A 95 -3.01 36.17 4.09
C MET A 95 -4.01 35.03 3.95
N ARG A 96 -4.45 34.46 5.06
CA ARG A 96 -5.39 33.34 5.02
C ARG A 96 -6.80 33.82 4.71
N ASN A 97 -7.60 32.93 4.11
CA ASN A 97 -8.95 33.27 3.73
C ASN A 97 -9.74 31.99 3.48
N LEU A 98 -10.97 32.13 3.01
CA LEU A 98 -11.86 31.01 2.77
C LEU A 98 -12.22 31.02 1.30
N LEU A 99 -11.85 29.96 0.60
CA LEU A 99 -12.13 29.80 -0.83
C LEU A 99 -13.29 28.83 -1.02
N ILE A 100 -14.28 29.24 -1.81
CA ILE A 100 -15.53 28.51 -1.92
C ILE A 100 -15.87 28.32 -3.39
N ALA A 101 -16.26 27.10 -3.74
CA ALA A 101 -16.79 26.81 -5.08
C ALA A 101 -18.13 26.13 -4.94
N GLN A 102 -19.14 26.65 -5.66
CA GLN A 102 -20.47 26.05 -5.71
C GLN A 102 -20.57 25.28 -7.02
N VAL A 103 -20.96 24.00 -6.92
CA VAL A 103 -21.05 23.11 -8.07
C VAL A 103 -22.31 22.25 -7.96
N THR A 104 -22.61 21.53 -9.03
CA THR A 104 -23.58 20.45 -8.98
C THR A 104 -22.88 19.15 -9.33
N PHE A 105 -23.28 18.08 -8.64
CA PHE A 105 -22.71 16.74 -8.76
C PHE A 105 -23.92 15.81 -8.93
N SER A 106 -24.16 15.38 -10.16
CA SER A 106 -25.32 14.55 -10.48
C SER A 106 -26.61 15.18 -9.95
N GLY A 107 -26.79 16.46 -10.25
CA GLY A 107 -27.99 17.17 -9.88
C GLY A 107 -28.03 17.67 -8.45
N GLN A 108 -27.04 17.33 -7.64
CA GLN A 108 -27.01 17.73 -6.24
C GLN A 108 -26.04 18.90 -6.07
N LYS A 109 -26.51 19.97 -5.45
CA LYS A 109 -25.65 21.12 -5.21
C LYS A 109 -24.64 20.82 -4.11
N LEU A 110 -23.40 21.23 -4.34
CA LEU A 110 -22.34 21.08 -3.35
C LEU A 110 -21.67 22.44 -3.16
N TYR A 111 -21.47 22.84 -1.90
N TYR A 111 -21.24 22.67 -1.92
CA TYR A 111 -20.60 23.95 -1.57
CA TYR A 111 -20.62 23.89 -1.43
C TYR A 111 -19.28 23.36 -1.11
C TYR A 111 -19.22 23.54 -0.93
N LEU A 112 -18.21 23.70 -1.80
CA LEU A 112 -16.87 23.18 -1.54
C LEU A 112 -16.00 24.31 -0.99
N MET A 113 -15.35 24.06 0.15
CA MET A 113 -14.64 25.11 0.86
C MET A 113 -13.27 24.64 1.30
N THR A 114 -12.28 25.52 1.26
CA THR A 114 -10.97 25.20 1.79
C THR A 114 -10.35 26.44 2.43
N SER A 115 -9.52 26.20 3.44
CA SER A 115 -8.76 27.28 4.06
C SER A 115 -7.48 26.66 4.60
N HIS A 116 -6.50 27.52 4.84
CA HIS A 116 -5.24 27.21 5.49
C HIS A 116 -5.27 28.08 6.75
N LEU A 117 -5.83 27.57 7.85
CA LEU A 117 -6.02 28.41 9.03
C LEU A 117 -4.67 28.84 9.62
N GLU A 118 -4.69 30.01 10.25
CA GLU A 118 -3.49 30.67 10.77
C GLU A 118 -2.53 29.67 11.41
N SER A 119 -1.26 29.82 11.06
CA SER A 119 -0.24 28.91 11.54
C SER A 119 0.43 29.38 12.85
N THR A 120 1.17 28.44 13.44
CA THR A 120 1.96 28.63 14.65
C THR A 120 1.14 28.53 15.93
N ARG A 121 1.76 28.01 16.99
CA ARG A 121 1.05 27.78 18.24
C ARG A 121 0.45 29.06 18.81
N ASN A 122 1.22 30.16 18.80
CA ASN A 122 0.83 31.38 19.48
C ASN A 122 -0.22 32.20 18.73
N GLN A 123 -0.59 31.80 17.50
CA GLN A 123 -1.73 32.40 16.84
C GLN A 123 -3.02 31.65 17.14
N SER A 124 -3.06 30.92 18.24
CA SER A 124 -4.25 30.14 18.59
C SER A 124 -5.51 31.00 18.58
N GLN A 125 -5.42 32.22 19.08
CA GLN A 125 -6.59 33.10 19.14
C GLN A 125 -7.14 33.40 17.74
N GLU A 126 -6.26 33.85 16.84
CA GLU A 126 -6.69 34.16 15.47
C GLU A 126 -7.19 32.93 14.74
N ARG A 127 -6.50 31.80 14.88
CA ARG A 127 -6.93 30.55 14.27
C ARG A 127 -8.33 30.16 14.74
N THR A 128 -8.61 30.36 16.04
CA THR A 128 -9.93 30.10 16.58
C THR A 128 -10.98 31.02 15.97
N LYS A 129 -10.66 32.31 15.82
CA LYS A 129 -11.60 33.22 15.18
C LYS A 129 -11.89 32.79 13.75
N GLN A 130 -10.87 32.33 13.05
CA GLN A 130 -11.09 31.88 11.67
C GLN A 130 -11.94 30.63 11.62
N LEU A 131 -11.69 29.69 12.54
CA LEU A 131 -12.53 28.48 12.60
C LEU A 131 -13.98 28.83 12.81
N ARG A 132 -14.26 29.82 13.66
CA ARG A 132 -15.64 30.25 13.86
C ARG A 132 -16.25 30.77 12.57
N VAL A 133 -15.49 31.56 11.80
CA VAL A 133 -15.99 32.03 10.51
C VAL A 133 -16.33 30.85 9.60
N VAL A 134 -15.42 29.86 9.54
CA VAL A 134 -15.64 28.70 8.67
C VAL A 134 -16.91 27.95 9.09
N LEU A 135 -17.04 27.68 10.39
CA LEU A 135 -18.20 26.91 10.86
C LEU A 135 -19.50 27.68 10.64
N GLN A 136 -19.47 29.02 10.80
CA GLN A 136 -20.65 29.80 10.51
C GLN A 136 -21.04 29.71 9.03
N LYS A 137 -20.04 29.79 8.14
CA LYS A 137 -20.32 29.70 6.72
C LYS A 137 -20.84 28.32 6.35
N ILE A 138 -20.34 27.27 7.00
CA ILE A 138 -20.87 25.92 6.76
C ILE A 138 -22.33 25.87 7.20
N LYS A 139 -22.62 26.37 8.40
CA LYS A 139 -23.99 26.34 8.91
C LYS A 139 -24.93 27.19 8.08
N GLU A 140 -24.44 28.32 7.56
CA GLU A 140 -25.29 29.26 6.83
C GLU A 140 -25.48 28.88 5.36
N ALA A 141 -24.76 27.89 4.85
CA ALA A 141 -24.86 27.58 3.45
C ALA A 141 -26.29 27.20 3.06
N PRO A 142 -26.72 27.53 1.85
CA PRO A 142 -28.10 27.19 1.44
C PRO A 142 -28.41 25.73 1.72
N GLU A 143 -29.63 25.48 2.19
CA GLU A 143 -29.97 24.17 2.72
C GLU A 143 -30.24 23.13 1.65
N ASP A 144 -30.25 23.50 0.39
CA ASP A 144 -30.32 22.52 -0.69
C ASP A 144 -28.93 21.98 -1.08
N ALA A 145 -27.89 22.35 -0.33
CA ALA A 145 -26.53 21.97 -0.69
C ALA A 145 -25.88 21.09 0.37
N ILE A 146 -25.09 20.14 -0.10
CA ILE A 146 -24.09 19.47 0.72
C ILE A 146 -22.91 20.42 0.87
N VAL A 147 -22.35 20.50 2.06
CA VAL A 147 -21.17 21.32 2.31
C VAL A 147 -20.02 20.41 2.66
N ILE A 148 -18.88 20.58 1.97
CA ILE A 148 -17.65 19.88 2.31
C ILE A 148 -16.58 20.94 2.48
N PHE A 149 -16.04 21.06 3.69
CA PHE A 149 -14.83 21.82 3.97
C PHE A 149 -13.67 20.85 4.17
N ALA A 150 -12.56 21.11 3.50
CA ALA A 150 -11.32 20.35 3.70
C ALA A 150 -10.15 21.32 3.67
N GLY A 151 -9.27 21.21 4.66
CA GLY A 151 -8.12 22.09 4.63
C GLY A 151 -7.17 21.78 5.75
N ASP A 152 -6.07 22.54 5.76
CA ASP A 152 -5.06 22.51 6.82
C ASP A 152 -5.53 23.47 7.91
N THR A 153 -6.08 22.91 8.99
CA THR A 153 -6.65 23.73 10.04
C THR A 153 -5.64 24.20 11.08
N ASN A 154 -4.47 23.55 11.14
CA ASN A 154 -3.45 23.85 12.14
C ASN A 154 -3.99 23.72 13.58
N LEU A 155 -5.08 23.00 13.76
CA LEU A 155 -5.74 22.92 15.06
C LEU A 155 -5.00 21.99 16.02
N ARG A 156 -5.02 22.35 17.29
CA ARG A 156 -4.42 21.51 18.32
C ARG A 156 -5.07 21.77 19.66
N ASP A 157 -4.66 20.98 20.65
CA ASP A 157 -5.13 21.09 22.05
C ASP A 157 -6.65 21.12 22.03
N ALA A 158 -7.31 22.08 22.68
CA ALA A 158 -8.76 22.17 22.73
C ALA A 158 -9.26 23.43 22.04
N GLU A 159 -8.67 23.75 20.88
CA GLU A 159 -9.10 24.95 20.15
C GLU A 159 -10.50 24.78 19.58
N VAL A 160 -10.85 23.57 19.12
CA VAL A 160 -12.21 23.32 18.66
C VAL A 160 -13.18 23.46 19.83
N ALA A 161 -12.80 22.96 20.99
CA ALA A 161 -13.65 23.13 22.17
C ALA A 161 -13.86 24.60 22.47
N ASN A 162 -12.82 25.42 22.28
CA ASN A 162 -12.92 26.83 22.63
C ASN A 162 -13.93 27.57 21.76
N VAL A 163 -14.22 27.10 20.55
CA VAL A 163 -15.21 27.76 19.72
C VAL A 163 -16.62 27.24 19.97
N GLY A 164 -16.77 26.25 20.85
CA GLY A 164 -18.06 25.63 21.07
C GLY A 164 -18.29 24.34 20.33
N GLY A 165 -17.24 23.70 19.81
CA GLY A 165 -17.40 22.47 19.04
C GLY A 165 -18.02 22.73 17.67
N LEU A 166 -18.46 21.65 17.05
CA LEU A 166 -19.05 21.78 15.73
C LEU A 166 -20.53 22.10 15.83
N PRO A 167 -21.05 22.87 14.88
CA PRO A 167 -22.49 23.18 14.89
C PRO A 167 -23.32 21.94 14.63
N ALA A 168 -24.62 22.07 14.94
CA ALA A 168 -25.56 21.01 14.64
C ALA A 168 -25.46 20.61 13.17
N GLY A 169 -25.47 19.30 12.92
CA GLY A 169 -25.48 18.78 11.56
C GLY A 169 -24.14 18.80 10.86
N VAL A 170 -23.08 19.24 11.53
CA VAL A 170 -21.74 19.27 10.97
C VAL A 170 -20.90 18.22 11.68
N CYS A 171 -20.23 17.37 10.91
CA CYS A 171 -19.36 16.37 11.49
C CYS A 171 -17.94 16.50 10.96
N ASP A 172 -17.00 16.00 11.76
CA ASP A 172 -15.62 15.79 11.37
C ASP A 172 -15.53 14.38 10.77
N VAL A 173 -15.11 14.29 9.50
CA VAL A 173 -15.19 13.03 8.78
C VAL A 173 -14.35 11.95 9.46
N TRP A 174 -13.15 12.32 9.94
CA TRP A 174 -12.30 11.34 10.61
C TRP A 174 -12.99 10.81 11.86
N GLU A 175 -13.61 11.69 12.64
CA GLU A 175 -14.37 11.24 13.80
C GLU A 175 -15.54 10.37 13.37
N GLN A 176 -16.27 10.79 12.34
CA GLN A 176 -17.47 10.07 11.93
C GLN A 176 -17.15 8.65 11.50
N LEU A 177 -15.99 8.45 10.88
CA LEU A 177 -15.58 7.14 10.41
C LEU A 177 -14.97 6.27 11.52
N GLY A 178 -15.00 6.74 12.76
CA GLY A 178 -14.59 5.95 13.90
C GLY A 178 -13.25 6.28 14.52
N LYS A 179 -12.69 7.45 14.24
CA LYS A 179 -11.40 7.85 14.81
C LYS A 179 -10.36 6.75 14.64
N GLN A 180 -10.26 6.25 13.41
CA GLN A 180 -9.33 5.17 13.11
C GLN A 180 -7.90 5.67 13.24
N GLU A 181 -7.07 4.88 13.93
CA GLU A 181 -5.72 5.31 14.24
C GLU A 181 -4.84 5.40 13.00
N HIS A 182 -5.08 4.55 12.01
CA HIS A 182 -4.16 4.44 10.88
C HIS A 182 -4.16 5.67 9.99
N CYS A 183 -5.20 6.51 10.07
CA CYS A 183 -5.27 7.72 9.25
C CYS A 183 -5.52 8.93 10.13
N ARG A 184 -4.92 8.94 11.31
CA ARG A 184 -5.23 9.98 12.29
C ARG A 184 -4.32 11.21 12.14
N TYR A 185 -3.01 11.01 12.18
CA TYR A 185 -2.07 12.12 12.20
C TYR A 185 -1.63 12.48 10.79
N THR A 186 -1.79 13.74 10.42
CA THR A 186 -1.47 14.21 9.08
C THR A 186 -0.19 15.00 9.02
N TRP A 187 0.39 15.34 10.18
CA TRP A 187 1.66 16.06 10.29
C TRP A 187 2.47 15.35 11.36
N ASP A 188 3.61 14.79 10.97
CA ASP A 188 4.36 13.87 11.82
C ASP A 188 5.85 14.12 11.61
N THR A 189 6.49 14.77 12.59
CA THR A 189 7.91 15.09 12.49
C THR A 189 8.79 13.87 12.63
N GLN A 190 8.26 12.74 13.12
CA GLN A 190 9.04 11.52 13.26
C GLN A 190 9.06 10.72 11.97
N ALA A 191 7.89 10.52 11.35
CA ALA A 191 7.78 9.72 10.15
C ALA A 191 7.97 10.52 8.87
N ASN A 192 8.03 11.84 8.96
CA ASN A 192 8.20 12.69 7.77
C ASN A 192 9.54 13.42 7.83
N ALA A 200 9.36 14.03 18.81
CA ALA A 200 8.18 13.22 18.52
C ALA A 200 6.92 14.07 18.58
N CYS A 201 6.50 14.61 17.44
CA CYS A 201 5.31 15.45 17.38
C CYS A 201 4.42 15.00 16.23
N LYS A 202 3.20 14.57 16.57
CA LYS A 202 2.20 14.14 15.59
C LYS A 202 0.91 14.89 15.86
N LEU A 203 0.34 15.51 14.82
CA LEU A 203 -0.85 16.32 15.00
C LEU A 203 -1.83 16.06 13.85
N ARG A 204 -3.11 16.27 14.12
CA ARG A 204 -4.18 16.12 13.13
C ARG A 204 -4.55 17.53 12.64
N PHE A 205 -3.70 18.09 11.80
CA PHE A 205 -3.92 19.43 11.29
C PHE A 205 -4.96 19.44 10.17
N ASP A 206 -4.93 18.42 9.33
CA ASP A 206 -5.76 18.37 8.13
C ASP A 206 -7.06 17.66 8.46
N ARG A 207 -8.18 18.35 8.22
CA ARG A 207 -9.49 17.88 8.63
C ARG A 207 -10.53 18.18 7.56
N ILE A 208 -11.59 17.38 7.56
CA ILE A 208 -12.70 17.50 6.63
C ILE A 208 -13.97 17.65 7.45
N PHE A 209 -14.73 18.71 7.20
CA PHE A 209 -16.01 18.93 7.85
C PHE A 209 -17.11 18.75 6.82
N LEU A 210 -18.21 18.14 7.25
CA LEU A 210 -19.28 17.77 6.34
C LEU A 210 -20.65 18.13 6.90
N ARG A 211 -21.50 18.70 6.04
CA ARG A 211 -22.88 18.99 6.39
C ARG A 211 -23.76 18.51 5.24
N SER A 212 -24.86 17.85 5.58
CA SER A 212 -25.77 17.37 4.55
C SER A 212 -26.67 18.50 4.04
N ALA A 213 -27.34 18.22 2.93
CA ALA A 213 -28.44 19.07 2.47
C ALA A 213 -29.75 18.63 3.14
N LYS A 214 -30.59 19.61 3.46
CA LYS A 214 -31.91 19.29 4.00
C LYS A 214 -32.75 18.53 2.98
N THR A 215 -32.45 18.68 1.70
CA THR A 215 -33.29 18.19 0.62
C THR A 215 -32.83 16.84 0.06
N ALA A 216 -31.89 16.17 0.71
CA ALA A 216 -31.44 14.85 0.30
C ALA A 216 -31.16 14.03 1.54
N PRO A 217 -31.15 12.70 1.42
CA PRO A 217 -30.80 11.87 2.57
C PRO A 217 -29.42 12.21 3.09
N PRO A 218 -29.16 11.99 4.37
CA PRO A 218 -27.86 12.38 4.95
C PRO A 218 -26.70 11.80 4.15
N VAL A 219 -25.69 12.62 3.94
CA VAL A 219 -24.46 12.17 3.30
C VAL A 219 -23.59 11.53 4.37
N THR A 220 -23.11 10.33 4.09
CA THR A 220 -22.19 9.71 5.03
C THR A 220 -20.82 9.55 4.38
N PRO A 221 -19.73 9.79 5.12
CA PRO A 221 -18.41 9.44 4.61
C PRO A 221 -18.32 7.93 4.42
N ASP A 222 -17.60 7.54 3.37
CA ASP A 222 -17.44 6.12 3.07
C ASP A 222 -16.07 5.60 3.49
N HIS A 223 -15.01 6.26 3.06
CA HIS A 223 -13.66 5.77 3.29
C HIS A 223 -12.70 6.95 3.31
N MET A 224 -11.71 6.86 4.19
CA MET A 224 -10.68 7.88 4.31
C MET A 224 -9.34 7.19 4.44
N ALA A 225 -8.32 7.78 3.82
CA ALA A 225 -6.97 7.23 3.88
C ALA A 225 -5.97 8.36 3.69
N LEU A 226 -4.78 8.18 4.24
CA LEU A 226 -3.69 9.13 4.05
C LEU A 226 -2.88 8.70 2.84
N ILE A 227 -2.39 9.68 2.09
CA ILE A 227 -1.61 9.42 0.89
C ILE A 227 -0.34 10.25 0.92
N GLY A 228 0.57 9.94 0.00
CA GLY A 228 1.84 10.63 -0.09
C GLY A 228 2.91 10.13 0.84
N MET A 229 2.77 8.91 1.36
CA MET A 229 3.67 8.41 2.37
C MET A 229 4.89 7.69 1.79
N GLU A 230 5.15 7.85 0.49
CA GLU A 230 6.28 7.22 -0.16
C GLU A 230 7.27 8.30 -0.58
N LYS A 231 8.52 8.15 -0.14
CA LYS A 231 9.56 9.09 -0.53
C LYS A 231 9.74 9.10 -2.03
N LEU A 232 10.00 10.28 -2.58
CA LEU A 232 10.22 10.43 -4.01
C LEU A 232 11.66 10.09 -4.37
N ASP A 233 11.94 10.03 -5.68
CA ASP A 233 13.29 9.72 -6.14
C ASP A 233 14.32 10.64 -5.50
N CYS A 234 13.95 11.88 -5.21
CA CYS A 234 14.88 12.85 -4.66
C CYS A 234 15.19 12.60 -3.19
N GLY A 235 14.56 11.62 -2.56
CA GLY A 235 14.80 11.32 -1.18
C GLY A 235 13.95 12.10 -0.19
N ARG A 236 13.03 12.91 -0.67
CA ARG A 236 12.13 13.66 0.20
C ARG A 236 10.69 13.24 -0.08
N TYR A 237 9.81 13.54 0.86
CA TYR A 237 8.39 13.35 0.64
C TYR A 237 7.82 14.53 -0.14
N THR A 238 6.66 14.29 -0.76
CA THR A 238 5.99 15.33 -1.52
C THR A 238 5.75 16.56 -0.65
N SER A 239 5.43 16.35 0.62
CA SER A 239 5.11 17.45 1.53
C SER A 239 5.47 17.04 2.94
N ASP A 240 5.59 18.03 3.82
CA ASP A 240 5.71 17.73 5.24
C ASP A 240 4.37 17.33 5.85
N HIS A 241 3.28 17.45 5.09
CA HIS A 241 1.99 16.88 5.46
C HIS A 241 1.74 15.62 4.65
N TRP A 242 0.99 14.70 5.24
CA TRP A 242 0.33 13.67 4.45
C TRP A 242 -0.93 14.26 3.83
N GLY A 243 -1.29 13.76 2.66
CA GLY A 243 -2.56 14.13 2.06
C GLY A 243 -3.69 13.22 2.52
N ILE A 244 -4.93 13.71 2.37
CA ILE A 244 -6.11 12.93 2.72
C ILE A 244 -6.87 12.60 1.43
N TYR A 245 -7.22 11.33 1.27
CA TYR A 245 -8.16 10.88 0.25
C TYR A 245 -9.44 10.44 0.97
N CYS A 246 -10.58 10.87 0.44
CA CYS A 246 -11.85 10.58 1.12
C CYS A 246 -12.97 10.47 0.10
N THR A 247 -13.87 9.52 0.33
CA THR A 247 -15.04 9.34 -0.51
C THR A 247 -16.31 9.47 0.32
N PHE A 248 -17.41 9.81 -0.35
CA PHE A 248 -18.68 10.06 0.31
C PHE A 248 -19.79 9.30 -0.39
N ASN A 249 -20.70 8.74 0.40
CA ASN A 249 -21.90 8.08 -0.11
C ASN A 249 -22.89 9.18 -0.47
N THR A 250 -22.88 9.60 -1.72
CA THR A 250 -23.79 10.63 -2.22
C THR A 250 -24.91 9.97 -3.02
N SER B 1 -1.84 -20.21 -38.01
CA SER B 1 -1.85 -21.42 -37.18
C SER B 1 -3.02 -21.40 -36.22
N SER B 2 -3.49 -22.58 -35.83
CA SER B 2 -4.59 -22.66 -34.87
C SER B 2 -4.12 -22.18 -33.50
N LYS B 3 -2.84 -21.80 -33.40
CA LYS B 3 -2.34 -21.23 -32.15
C LYS B 3 -2.90 -19.83 -31.95
N LEU B 4 -3.44 -19.57 -30.76
CA LEU B 4 -3.89 -18.23 -30.38
C LEU B 4 -2.70 -17.48 -29.80
N SER B 5 -2.49 -16.24 -30.25
CA SER B 5 -1.42 -15.40 -29.75
C SER B 5 -1.97 -14.15 -29.07
N ILE B 6 -1.30 -13.70 -28.01
CA ILE B 6 -1.73 -12.51 -27.29
C ILE B 6 -0.53 -11.68 -26.87
N ILE B 7 -0.79 -10.40 -26.64
CA ILE B 7 0.14 -9.52 -25.94
C ILE B 7 -0.61 -8.83 -24.81
N SER B 8 0.04 -8.68 -23.66
CA SER B 8 -0.51 -7.93 -22.54
C SER B 8 0.54 -6.91 -22.12
N TRP B 9 0.13 -5.67 -21.89
CA TRP B 9 1.12 -4.63 -21.65
C TRP B 9 0.48 -3.43 -20.96
N ASN B 10 1.05 -3.05 -19.81
CA ASN B 10 0.78 -1.76 -19.20
C ASN B 10 1.63 -0.72 -19.92
N VAL B 11 0.98 0.23 -20.60
CA VAL B 11 1.69 1.17 -21.47
C VAL B 11 2.20 2.40 -20.74
N ASP B 12 1.95 2.50 -19.43
CA ASP B 12 2.47 3.61 -18.62
C ASP B 12 2.01 4.96 -19.16
N GLY B 13 0.71 5.06 -19.43
CA GLY B 13 0.13 6.30 -19.92
C GLY B 13 0.16 7.44 -18.91
N LEU B 14 0.38 7.14 -17.64
CA LEU B 14 0.49 8.19 -16.63
C LEU B 14 1.85 8.87 -16.63
N ASP B 15 2.81 8.36 -17.40
CA ASP B 15 4.08 9.05 -17.63
C ASP B 15 3.99 9.73 -18.99
N THR B 16 3.94 11.05 -19.00
CA THR B 16 3.74 11.81 -20.24
C THR B 16 5.03 12.10 -20.98
N ASN B 17 6.19 11.84 -20.39
CA ASN B 17 7.45 12.08 -21.07
C ASN B 17 7.55 11.24 -22.33
N ASN B 18 7.67 11.90 -23.48
CA ASN B 18 7.86 11.24 -24.77
C ASN B 18 6.75 10.23 -25.06
N LEU B 19 5.52 10.53 -24.65
CA LEU B 19 4.44 9.57 -24.81
C LEU B 19 4.12 9.33 -26.27
N SER B 20 4.25 10.37 -27.11
CA SER B 20 4.01 10.19 -28.54
C SER B 20 5.01 9.22 -29.14
N ASP B 21 6.30 9.43 -28.86
CA ASP B 21 7.32 8.51 -29.34
C ASP B 21 7.08 7.10 -28.82
N ARG B 22 6.67 6.98 -27.57
CA ARG B 22 6.50 5.66 -26.97
C ARG B 22 5.27 4.95 -27.52
N ALA B 23 4.21 5.72 -27.83
CA ALA B 23 3.05 5.13 -28.48
C ALA B 23 3.42 4.63 -29.87
N ARG B 24 4.24 5.38 -30.59
CA ARG B 24 4.78 4.90 -31.86
C ARG B 24 5.54 3.61 -31.65
N GLY B 25 6.34 3.53 -30.58
CA GLY B 25 7.08 2.31 -30.31
C GLY B 25 6.16 1.14 -30.02
N LEU B 26 5.13 1.38 -29.20
CA LEU B 26 4.16 0.33 -28.92
C LEU B 26 3.56 -0.20 -30.22
N CYS B 27 3.12 0.71 -31.10
CA CYS B 27 2.50 0.30 -32.35
C CYS B 27 3.45 -0.56 -33.17
N SER B 28 4.74 -0.22 -33.17
CA SER B 28 5.71 -0.99 -33.94
C SER B 28 5.85 -2.42 -33.41
N TYR B 29 5.83 -2.59 -32.09
CA TYR B 29 5.86 -3.93 -31.52
C TYR B 29 4.60 -4.71 -31.88
N LEU B 30 3.43 -4.09 -31.72
CA LEU B 30 2.18 -4.77 -32.03
C LEU B 30 2.16 -5.21 -33.50
N ALA B 31 2.69 -4.37 -34.39
CA ALA B 31 2.71 -4.73 -35.80
C ALA B 31 3.64 -5.90 -36.06
N LEU B 32 4.80 -5.94 -35.41
CA LEU B 32 5.77 -7.00 -35.66
C LEU B 32 5.21 -8.37 -35.28
N TYR B 33 4.49 -8.44 -34.15
CA TYR B 33 3.95 -9.70 -33.67
C TYR B 33 2.55 -9.99 -34.17
N THR B 34 1.78 -8.98 -34.60
CA THR B 34 0.39 -9.12 -35.01
C THR B 34 -0.36 -10.15 -34.15
N PRO B 35 -0.47 -9.91 -32.85
CA PRO B 35 -1.17 -10.87 -32.01
C PRO B 35 -2.67 -10.90 -32.30
N ASP B 36 -3.29 -12.03 -31.98
CA ASP B 36 -4.74 -12.15 -32.13
C ASP B 36 -5.49 -11.27 -31.13
N VAL B 37 -4.96 -11.12 -29.92
CA VAL B 37 -5.58 -10.30 -28.89
C VAL B 37 -4.49 -9.45 -28.24
N VAL B 38 -4.83 -8.20 -27.93
CA VAL B 38 -3.97 -7.35 -27.12
C VAL B 38 -4.75 -6.91 -25.88
N PHE B 39 -4.14 -7.07 -24.71
CA PHE B 39 -4.67 -6.57 -23.45
C PHE B 39 -3.79 -5.40 -23.03
N LEU B 40 -4.38 -4.22 -22.91
CA LEU B 40 -3.62 -3.02 -22.54
C LEU B 40 -4.13 -2.44 -21.23
N GLN B 41 -3.19 -1.90 -20.44
CA GLN B 41 -3.53 -1.20 -19.21
C GLN B 41 -2.87 0.17 -19.18
N GLU B 42 -3.50 1.08 -18.43
CA GLU B 42 -3.00 2.44 -18.22
C GLU B 42 -2.98 3.22 -19.52
N LEU B 43 -3.97 2.99 -20.38
CA LEU B 43 -4.20 3.88 -21.49
C LEU B 43 -4.77 5.21 -21.01
N ILE B 44 -4.55 6.27 -21.78
CA ILE B 44 -5.29 7.52 -21.63
C ILE B 44 -5.93 7.84 -22.98
N PRO B 45 -6.90 8.75 -23.01
CA PRO B 45 -7.62 9.01 -24.27
C PRO B 45 -6.71 9.34 -25.46
N ALA B 46 -5.71 10.21 -25.29
CA ALA B 46 -4.82 10.53 -26.40
C ALA B 46 -4.09 9.30 -26.90
N TYR B 47 -3.74 8.38 -26.01
CA TYR B 47 -3.01 7.18 -26.40
C TYR B 47 -3.89 6.27 -27.25
N VAL B 48 -5.09 5.96 -26.76
CA VAL B 48 -5.96 5.04 -27.48
C VAL B 48 -6.45 5.67 -28.78
N GLN B 49 -6.60 6.99 -28.81
CA GLN B 49 -6.97 7.67 -30.05
C GLN B 49 -5.89 7.49 -31.10
N TYR B 50 -4.62 7.55 -30.69
CA TYR B 50 -3.53 7.32 -31.64
C TYR B 50 -3.51 5.87 -32.13
N LEU B 51 -3.74 4.93 -31.23
CA LEU B 51 -3.76 3.52 -31.63
C LEU B 51 -4.91 3.22 -32.60
N LYS B 52 -6.09 3.80 -32.35
CA LYS B 52 -7.23 3.53 -33.22
C LYS B 52 -7.08 4.13 -34.61
N LYS B 53 -6.19 5.10 -34.77
CA LYS B 53 -5.93 5.63 -36.11
C LYS B 53 -4.96 4.75 -36.89
N ARG B 54 -4.10 4.02 -36.19
CA ARG B 54 -3.02 3.25 -36.81
C ARG B 54 -3.33 1.76 -36.91
N ALA B 55 -3.90 1.15 -35.87
CA ALA B 55 -4.03 -0.30 -35.79
C ALA B 55 -5.41 -0.70 -36.33
N VAL B 56 -5.61 -0.36 -37.61
CA VAL B 56 -6.89 -0.56 -38.25
C VAL B 56 -7.24 -2.01 -38.54
N SER B 57 -6.32 -2.94 -38.32
CA SER B 57 -6.62 -4.35 -38.37
C SER B 57 -7.33 -4.85 -37.11
N TYR B 58 -7.49 -4.00 -36.08
CA TYR B 58 -8.00 -4.45 -34.80
C TYR B 58 -9.26 -3.71 -34.39
N LEU B 59 -10.14 -4.40 -33.67
CA LEU B 59 -11.30 -3.82 -33.04
C LEU B 59 -10.90 -3.47 -31.61
N PHE B 60 -11.26 -2.26 -31.15
CA PHE B 60 -10.90 -1.75 -29.83
C PHE B 60 -12.11 -1.67 -28.89
N PHE B 61 -11.86 -1.96 -27.60
N PHE B 61 -11.87 -1.86 -27.60
CA PHE B 61 -12.80 -1.79 -26.51
CA PHE B 61 -12.87 -1.41 -26.65
C PHE B 61 -12.03 -1.21 -25.33
C PHE B 61 -12.19 -1.28 -25.31
N GLU B 62 -12.65 -0.30 -24.56
CA GLU B 62 -11.94 0.26 -23.42
C GLU B 62 -12.75 0.15 -22.13
N GLY B 63 -12.03 0.18 -21.01
CA GLY B 63 -12.69 0.14 -19.71
C GLY B 63 -13.25 1.46 -19.23
N SER B 64 -12.95 2.56 -19.93
CA SER B 64 -13.53 3.87 -19.65
C SER B 64 -13.21 4.77 -20.85
N ASP B 65 -13.78 5.97 -20.83
CA ASP B 65 -13.42 7.03 -21.78
C ASP B 65 -12.83 8.24 -21.06
N ASP B 66 -12.47 8.10 -19.79
CA ASP B 66 -12.09 9.19 -18.93
C ASP B 66 -10.95 8.71 -18.05
N GLY B 67 -10.03 9.64 -17.74
CA GLY B 67 -8.92 9.29 -16.84
C GLY B 67 -7.91 8.37 -17.52
N TYR B 68 -7.63 7.23 -16.89
CA TYR B 68 -6.78 6.19 -17.46
C TYR B 68 -7.49 4.86 -17.26
N PHE B 69 -7.23 3.90 -18.15
CA PHE B 69 -8.11 2.74 -18.21
C PHE B 69 -7.46 1.64 -19.06
N THR B 70 -8.11 0.49 -19.07
CA THR B 70 -7.66 -0.67 -19.83
C THR B 70 -8.31 -0.70 -21.21
N GLY B 71 -7.82 -1.61 -22.03
CA GLY B 71 -8.42 -1.84 -23.33
C GLY B 71 -8.11 -3.23 -23.83
N ILE B 72 -8.95 -3.70 -24.74
CA ILE B 72 -8.72 -4.97 -25.43
C ILE B 72 -8.76 -4.66 -26.92
N MET B 73 -7.79 -5.20 -27.65
CA MET B 73 -7.79 -5.15 -29.11
C MET B 73 -7.99 -6.56 -29.66
N LEU B 74 -8.85 -6.69 -30.67
CA LEU B 74 -9.13 -7.99 -31.29
C LEU B 74 -8.76 -7.93 -32.77
N ARG B 75 -7.92 -8.88 -33.20
CA ARG B 75 -7.54 -8.97 -34.61
C ARG B 75 -8.73 -9.46 -35.41
N LYS B 76 -9.30 -8.55 -36.22
CA LYS B 76 -10.60 -8.81 -36.81
C LYS B 76 -10.61 -10.01 -37.76
N SER B 77 -9.48 -10.29 -38.41
CA SER B 77 -9.43 -11.43 -39.34
C SER B 77 -9.47 -12.76 -38.62
N ARG B 78 -9.27 -12.75 -37.29
CA ARG B 78 -9.07 -13.97 -36.53
C ARG B 78 -10.02 -14.17 -35.36
N VAL B 79 -10.57 -13.12 -34.78
CA VAL B 79 -11.37 -13.17 -33.56
C VAL B 79 -12.66 -12.41 -33.82
N LYS B 80 -13.79 -13.08 -33.64
CA LYS B 80 -15.11 -12.50 -33.88
C LYS B 80 -15.68 -11.98 -32.57
N PHE B 81 -16.02 -10.71 -32.55
CA PHE B 81 -16.59 -10.09 -31.36
C PHE B 81 -18.07 -10.40 -31.24
N LEU B 82 -18.49 -10.68 -30.02
CA LEU B 82 -19.90 -10.98 -29.74
C LEU B 82 -20.52 -9.98 -28.78
N GLU B 83 -19.95 -9.80 -27.59
CA GLU B 83 -20.46 -8.81 -26.65
C GLU B 83 -19.38 -8.50 -25.62
N SER B 84 -19.56 -7.38 -24.93
CA SER B 84 -18.60 -6.94 -23.92
C SER B 84 -19.35 -6.32 -22.76
N GLU B 85 -18.65 -6.23 -21.63
CA GLU B 85 -19.25 -5.64 -20.43
C GLU B 85 -18.13 -5.22 -19.50
N ILE B 86 -18.48 -4.37 -18.56
CA ILE B 86 -17.57 -3.90 -17.53
C ILE B 86 -18.14 -4.27 -16.19
N ILE B 87 -17.32 -4.90 -15.35
CA ILE B 87 -17.69 -5.23 -13.98
C ILE B 87 -17.03 -4.20 -13.08
N CYS B 88 -17.82 -3.60 -12.19
N CYS B 88 -17.80 -3.55 -12.22
CA CYS B 88 -17.35 -2.58 -11.27
CA CYS B 88 -17.25 -2.48 -11.40
C CYS B 88 -16.47 -3.17 -10.17
C CYS B 88 -16.61 -3.03 -10.12
N PHE B 89 -15.54 -2.35 -9.68
CA PHE B 89 -14.84 -2.63 -8.43
C PHE B 89 -15.32 -1.60 -7.41
N PRO B 90 -16.30 -1.91 -6.56
CA PRO B 90 -16.99 -0.83 -5.84
C PRO B 90 -16.10 -0.04 -4.88
N THR B 91 -15.01 -0.62 -4.38
CA THR B 91 -14.16 0.06 -3.41
C THR B 91 -12.80 0.43 -3.98
N THR B 92 -12.67 0.49 -5.30
CA THR B 92 -11.44 1.00 -5.88
C THR B 92 -11.31 2.48 -5.57
N GLN B 93 -10.08 2.92 -5.32
CA GLN B 93 -9.76 4.33 -5.23
C GLN B 93 -9.19 4.89 -6.53
N MET B 94 -9.06 4.05 -7.57
CA MET B 94 -8.25 4.39 -8.73
C MET B 94 -8.95 4.01 -10.02
N MET B 95 -10.28 3.98 -10.01
CA MET B 95 -11.10 3.77 -11.21
C MET B 95 -10.88 2.40 -11.85
N ARG B 96 -10.38 1.42 -11.10
CA ARG B 96 -10.10 0.11 -11.65
C ARG B 96 -11.38 -0.69 -11.79
N ASN B 97 -11.39 -1.59 -12.78
CA ASN B 97 -12.55 -2.42 -13.03
C ASN B 97 -12.11 -3.64 -13.84
N LEU B 98 -13.08 -4.45 -14.26
CA LEU B 98 -12.81 -5.66 -15.03
C LEU B 98 -13.53 -5.55 -16.35
N LEU B 99 -12.76 -5.56 -17.44
CA LEU B 99 -13.28 -5.47 -18.80
C LEU B 99 -13.34 -6.88 -19.36
N ILE B 100 -14.48 -7.25 -19.93
CA ILE B 100 -14.72 -8.60 -20.42
C ILE B 100 -15.25 -8.53 -21.85
N ALA B 101 -14.69 -9.37 -22.70
CA ALA B 101 -15.22 -9.54 -24.06
C ALA B 101 -15.48 -11.00 -24.33
N GLN B 102 -16.69 -11.29 -24.81
CA GLN B 102 -17.03 -12.61 -25.34
C GLN B 102 -16.79 -12.58 -26.84
N VAL B 103 -16.00 -13.54 -27.32
CA VAL B 103 -15.62 -13.65 -28.72
C VAL B 103 -15.66 -15.12 -29.12
N THR B 104 -15.52 -15.37 -30.42
CA THR B 104 -15.26 -16.71 -30.92
C THR B 104 -13.96 -16.72 -31.71
N PHE B 105 -13.24 -17.83 -31.60
CA PHE B 105 -11.97 -18.06 -32.28
C PHE B 105 -12.03 -19.44 -32.91
N SER B 106 -12.17 -19.47 -34.23
CA SER B 106 -12.40 -20.74 -34.94
C SER B 106 -13.67 -21.41 -34.44
N GLY B 107 -14.69 -20.60 -34.16
CA GLY B 107 -15.96 -21.10 -33.68
C GLY B 107 -16.01 -21.41 -32.20
N GLN B 108 -14.88 -21.33 -31.50
CA GLN B 108 -14.82 -21.65 -30.08
C GLN B 108 -15.01 -20.39 -29.26
N LYS B 109 -15.90 -20.44 -28.28
CA LYS B 109 -16.16 -19.27 -27.45
C LYS B 109 -14.96 -19.01 -26.54
N LEU B 110 -14.53 -17.75 -26.50
CA LEU B 110 -13.49 -17.32 -25.57
C LEU B 110 -14.02 -16.15 -24.76
N TYR B 111 -13.75 -16.15 -23.46
CA TYR B 111 -13.99 -14.99 -22.61
C TYR B 111 -12.64 -14.33 -22.33
N LEU B 112 -12.48 -13.10 -22.82
CA LEU B 112 -11.25 -12.35 -22.67
C LEU B 112 -11.44 -11.27 -21.61
N MET B 113 -10.54 -11.24 -20.64
CA MET B 113 -10.70 -10.36 -19.49
C MET B 113 -9.41 -9.62 -19.24
N THR B 114 -9.50 -8.35 -18.87
CA THR B 114 -8.32 -7.64 -18.40
C THR B 114 -8.67 -6.70 -17.25
N SER B 115 -7.69 -6.43 -16.42
CA SER B 115 -7.84 -5.47 -15.34
C SER B 115 -6.46 -4.91 -15.00
N HIS B 116 -6.48 -3.74 -14.38
CA HIS B 116 -5.29 -3.07 -13.81
C HIS B 116 -5.60 -3.02 -12.32
N LEU B 117 -5.22 -4.06 -11.58
CA LEU B 117 -5.60 -4.14 -10.18
C LEU B 117 -4.96 -3.01 -9.38
N GLU B 118 -5.62 -2.68 -8.27
CA GLU B 118 -5.24 -1.52 -7.45
C GLU B 118 -3.74 -1.45 -7.24
N SER B 119 -3.20 -0.24 -7.39
CA SER B 119 -1.75 -0.04 -7.31
C SER B 119 -1.27 0.29 -5.90
N THR B 120 0.05 0.17 -5.74
CA THR B 120 0.80 0.52 -4.52
C THR B 120 0.79 -0.60 -3.49
N ARG B 121 1.89 -0.70 -2.72
CA ARG B 121 1.98 -1.75 -1.71
C ARG B 121 0.85 -1.65 -0.69
N ASN B 122 0.52 -0.43 -0.26
CA ASN B 122 -0.40 -0.24 0.86
C ASN B 122 -1.85 -0.49 0.51
N GLN B 123 -2.20 -0.70 -0.76
CA GLN B 123 -3.55 -1.08 -1.14
C GLN B 123 -3.69 -2.59 -1.29
N SER B 124 -2.86 -3.35 -0.57
CA SER B 124 -2.90 -4.81 -0.68
C SER B 124 -4.30 -5.37 -0.41
N GLN B 125 -5.02 -4.82 0.56
CA GLN B 125 -6.33 -5.36 0.91
C GLN B 125 -7.32 -5.19 -0.24
N GLU B 126 -7.34 -4.00 -0.83
CA GLU B 126 -8.25 -3.77 -1.94
C GLU B 126 -7.83 -4.56 -3.17
N ARG B 127 -6.52 -4.56 -3.48
CA ARG B 127 -6.04 -5.37 -4.59
C ARG B 127 -6.45 -6.82 -4.42
N THR B 128 -6.37 -7.33 -3.19
CA THR B 128 -6.75 -8.71 -2.91
C THR B 128 -8.23 -8.93 -3.10
N LYS B 129 -9.06 -7.96 -2.69
CA LYS B 129 -10.50 -8.09 -2.91
C LYS B 129 -10.80 -8.14 -4.39
N GLN B 130 -10.10 -7.32 -5.19
CA GLN B 130 -10.31 -7.30 -6.63
C GLN B 130 -9.88 -8.61 -7.26
N LEU B 131 -8.73 -9.15 -6.84
CA LEU B 131 -8.27 -10.43 -7.37
C LEU B 131 -9.32 -11.51 -7.14
N ARG B 132 -9.94 -11.52 -5.96
CA ARG B 132 -10.97 -12.52 -5.68
C ARG B 132 -12.13 -12.38 -6.65
N VAL B 133 -12.53 -11.14 -6.95
CA VAL B 133 -13.59 -10.93 -7.93
C VAL B 133 -13.17 -11.48 -9.29
N VAL B 134 -11.94 -11.17 -9.72
CA VAL B 134 -11.47 -11.66 -11.01
C VAL B 134 -11.48 -13.18 -11.05
N LEU B 135 -10.92 -13.82 -10.01
CA LEU B 135 -10.84 -15.27 -10.00
C LEU B 135 -12.22 -15.91 -9.96
N GLN B 136 -13.19 -15.26 -9.31
CA GLN B 136 -14.55 -15.80 -9.30
C GLN B 136 -15.19 -15.69 -10.67
N LYS B 137 -15.01 -14.56 -11.35
CA LYS B 137 -15.58 -14.40 -12.69
C LYS B 137 -14.98 -15.41 -13.65
N ILE B 138 -13.69 -15.73 -13.49
CA ILE B 138 -13.07 -16.76 -14.31
C ILE B 138 -13.71 -18.11 -14.04
N LYS B 139 -13.82 -18.46 -12.76
CA LYS B 139 -14.39 -19.75 -12.37
C LYS B 139 -15.83 -19.89 -12.85
N GLU B 140 -16.59 -18.79 -12.82
CA GLU B 140 -18.00 -18.83 -13.13
C GLU B 140 -18.32 -18.72 -14.62
N ALA B 141 -17.33 -18.47 -15.47
CA ALA B 141 -17.60 -18.27 -16.88
C ALA B 141 -18.27 -19.51 -17.47
N PRO B 142 -19.09 -19.34 -18.51
CA PRO B 142 -19.83 -20.49 -19.07
C PRO B 142 -18.90 -21.66 -19.37
N GLU B 143 -19.43 -22.88 -19.17
CA GLU B 143 -18.60 -24.07 -19.25
C GLU B 143 -18.10 -24.37 -20.66
N ASP B 144 -18.71 -23.78 -21.69
CA ASP B 144 -18.28 -24.03 -23.06
C ASP B 144 -17.33 -22.96 -23.57
N ALA B 145 -16.70 -22.21 -22.66
CA ALA B 145 -15.83 -21.11 -23.04
C ALA B 145 -14.44 -21.31 -22.47
N ILE B 146 -13.43 -21.00 -23.30
CA ILE B 146 -12.08 -20.78 -22.81
C ILE B 146 -12.03 -19.39 -22.20
N VAL B 147 -11.40 -19.26 -21.04
CA VAL B 147 -11.23 -17.96 -20.37
C VAL B 147 -9.76 -17.61 -20.37
N ILE B 148 -9.44 -16.39 -20.81
CA ILE B 148 -8.09 -15.86 -20.72
C ILE B 148 -8.17 -14.50 -20.06
N PHE B 149 -7.59 -14.38 -18.87
CA PHE B 149 -7.35 -13.11 -18.22
C PHE B 149 -5.89 -12.73 -18.38
N ALA B 150 -5.62 -11.48 -18.76
CA ALA B 150 -4.25 -10.99 -18.89
C ALA B 150 -4.26 -9.54 -18.44
N GLY B 151 -3.39 -9.19 -17.50
CA GLY B 151 -3.40 -7.82 -17.04
C GLY B 151 -2.27 -7.53 -16.08
N ASP B 152 -2.22 -6.27 -15.66
CA ASP B 152 -1.27 -5.77 -14.65
C ASP B 152 -1.94 -6.02 -13.30
N THR B 153 -1.54 -7.11 -12.64
CA THR B 153 -2.13 -7.47 -11.36
C THR B 153 -1.55 -6.66 -10.20
N ASN B 154 -0.40 -6.02 -10.37
CA ASN B 154 0.30 -5.32 -9.28
C ASN B 154 0.55 -6.22 -8.07
N LEU B 155 0.51 -7.54 -8.27
CA LEU B 155 0.58 -8.45 -7.13
C LEU B 155 1.96 -8.46 -6.52
N ARG B 156 2.01 -8.40 -5.20
CA ARG B 156 3.23 -8.52 -4.42
C ARG B 156 3.39 -9.96 -3.89
N ASP B 157 4.57 -10.23 -3.35
CA ASP B 157 4.87 -11.58 -2.86
C ASP B 157 3.80 -12.07 -1.89
N ALA B 158 3.31 -13.28 -2.15
CA ALA B 158 2.40 -14.05 -1.31
C ALA B 158 0.97 -13.55 -1.32
N GLU B 159 0.63 -12.54 -2.12
CA GLU B 159 -0.74 -12.06 -2.13
C GLU B 159 -1.70 -13.09 -2.73
N VAL B 160 -1.27 -13.87 -3.73
CA VAL B 160 -2.15 -14.92 -4.26
C VAL B 160 -2.29 -16.05 -3.23
N ALA B 161 -1.18 -16.43 -2.58
CA ALA B 161 -1.27 -17.47 -1.55
C ALA B 161 -2.19 -17.04 -0.42
N ASN B 162 -2.22 -15.75 -0.10
CA ASN B 162 -3.01 -15.28 1.02
C ASN B 162 -4.51 -15.35 0.75
N VAL B 163 -4.94 -15.33 -0.52
CA VAL B 163 -6.35 -15.51 -0.83
C VAL B 163 -6.70 -16.98 -1.04
N GLY B 164 -5.75 -17.89 -0.87
CA GLY B 164 -5.99 -19.31 -1.03
C GLY B 164 -5.58 -19.90 -2.35
N GLY B 165 -4.79 -19.17 -3.15
CA GLY B 165 -4.34 -19.68 -4.42
C GLY B 165 -5.40 -19.52 -5.51
N LEU B 166 -5.02 -19.97 -6.71
CA LEU B 166 -5.92 -19.93 -7.86
C LEU B 166 -6.98 -21.03 -7.73
N PRO B 167 -8.19 -20.78 -8.21
CA PRO B 167 -9.22 -21.83 -8.15
C PRO B 167 -8.82 -23.01 -9.01
N ALA B 168 -9.35 -24.18 -8.67
CA ALA B 168 -9.09 -25.38 -9.45
C ALA B 168 -9.46 -25.16 -10.90
N GLY B 169 -8.58 -25.59 -11.81
CA GLY B 169 -8.80 -25.43 -13.22
C GLY B 169 -8.28 -24.13 -13.80
N VAL B 170 -7.89 -23.18 -12.95
CA VAL B 170 -7.30 -21.92 -13.38
C VAL B 170 -5.80 -22.01 -13.15
N CYS B 171 -5.02 -21.75 -14.20
CA CYS B 171 -3.57 -21.78 -14.07
C CYS B 171 -2.98 -20.42 -14.40
N ASP B 172 -1.78 -20.19 -13.87
CA ASP B 172 -0.94 -19.06 -14.24
C ASP B 172 0.00 -19.52 -15.34
N VAL B 173 -0.04 -18.85 -16.48
CA VAL B 173 0.66 -19.34 -17.67
C VAL B 173 2.16 -19.41 -17.42
N TRP B 174 2.71 -18.41 -16.74
CA TRP B 174 4.14 -18.44 -16.47
C TRP B 174 4.50 -19.64 -15.61
N GLU B 175 3.67 -19.95 -14.63
CA GLU B 175 3.92 -21.14 -13.80
C GLU B 175 3.77 -22.41 -14.61
N GLN B 176 2.74 -22.47 -15.46
CA GLN B 176 2.48 -23.67 -16.24
C GLN B 176 3.62 -23.98 -17.21
N LEU B 177 4.27 -22.95 -17.72
CA LEU B 177 5.37 -23.12 -18.67
C LEU B 177 6.70 -23.37 -17.98
N GLY B 178 6.73 -23.50 -16.67
CA GLY B 178 7.91 -23.94 -15.96
C GLY B 178 8.59 -22.92 -15.08
N LYS B 179 7.95 -21.79 -14.78
CA LYS B 179 8.52 -20.77 -13.92
C LYS B 179 9.93 -20.41 -14.39
N GLN B 180 10.06 -20.11 -15.67
CA GLN B 180 11.36 -19.83 -16.28
C GLN B 180 11.83 -18.45 -15.90
N GLU B 181 13.09 -18.36 -15.46
CA GLU B 181 13.60 -17.11 -14.91
C GLU B 181 13.76 -16.03 -15.98
N HIS B 182 13.98 -16.41 -17.24
CA HIS B 182 14.28 -15.42 -18.26
C HIS B 182 13.07 -14.56 -18.64
N CYS B 183 11.87 -15.00 -18.31
CA CYS B 183 10.64 -14.26 -18.63
C CYS B 183 9.80 -14.06 -17.39
N ARG B 184 10.45 -13.88 -16.23
CA ARG B 184 9.75 -13.88 -14.96
C ARG B 184 9.31 -12.48 -14.50
N TYR B 185 10.24 -11.53 -14.43
CA TYR B 185 9.92 -10.20 -13.91
C TYR B 185 9.50 -9.28 -15.04
N THR B 186 8.35 -8.64 -14.88
CA THR B 186 7.80 -7.74 -15.89
C THR B 186 7.92 -6.27 -15.51
N TRP B 187 8.32 -5.98 -14.26
CA TRP B 187 8.55 -4.63 -13.78
C TRP B 187 9.88 -4.67 -13.03
N ASP B 188 10.86 -3.90 -13.51
CA ASP B 188 12.24 -4.04 -13.03
C ASP B 188 12.87 -2.64 -13.01
N THR B 189 13.01 -2.08 -11.80
CA THR B 189 13.57 -0.74 -11.67
C THR B 189 15.04 -0.68 -12.10
N GLN B 190 15.73 -1.82 -12.14
CA GLN B 190 17.13 -1.83 -12.55
C GLN B 190 17.26 -1.78 -14.07
N ALA B 191 16.63 -2.75 -14.75
CA ALA B 191 16.74 -2.85 -16.21
C ALA B 191 15.83 -1.88 -16.94
N ASN B 192 15.07 -1.05 -16.23
CA ASN B 192 14.19 -0.09 -16.86
C ASN B 192 14.36 1.29 -16.24
N ALA B 199 16.81 2.06 -6.41
CA ALA B 199 16.17 1.08 -5.54
C ALA B 199 15.85 -0.19 -6.31
N ALA B 200 16.75 -1.17 -6.25
CA ALA B 200 16.56 -2.42 -6.98
C ALA B 200 15.25 -3.07 -6.58
N CYS B 201 14.36 -3.27 -7.55
CA CYS B 201 13.06 -3.88 -7.30
C CYS B 201 12.59 -4.57 -8.57
N LYS B 202 12.35 -5.88 -8.48
CA LYS B 202 11.89 -6.68 -9.61
C LYS B 202 10.65 -7.44 -9.17
N LEU B 203 9.55 -7.31 -9.94
CA LEU B 203 8.27 -7.88 -9.55
C LEU B 203 7.58 -8.45 -10.78
N ARG B 204 6.79 -9.51 -10.55
CA ARG B 204 5.98 -10.13 -11.60
C ARG B 204 4.55 -9.60 -11.54
N PHE B 205 4.42 -8.35 -11.99
CA PHE B 205 3.13 -7.68 -11.92
C PHE B 205 2.17 -8.22 -12.98
N ASP B 206 2.67 -8.48 -14.17
CA ASP B 206 1.84 -8.81 -15.31
C ASP B 206 1.71 -10.33 -15.41
N ARG B 207 0.47 -10.81 -15.38
CA ARG B 207 0.21 -12.24 -15.33
C ARG B 207 -0.95 -12.59 -16.25
N ILE B 208 -0.97 -13.85 -16.67
CA ILE B 208 -1.99 -14.41 -17.54
C ILE B 208 -2.61 -15.60 -16.80
N PHE B 209 -3.92 -15.57 -16.63
CA PHE B 209 -4.63 -16.69 -16.05
C PHE B 209 -5.48 -17.35 -17.12
N LEU B 210 -5.51 -18.68 -17.12
CA LEU B 210 -6.13 -19.45 -18.18
C LEU B 210 -7.07 -20.50 -17.59
N ARG B 211 -8.25 -20.62 -18.19
CA ARG B 211 -9.18 -21.69 -17.86
C ARG B 211 -9.71 -22.30 -19.15
N SER B 212 -9.75 -23.63 -19.18
CA SER B 212 -10.22 -24.34 -20.37
C SER B 212 -11.75 -24.41 -20.37
N ALA B 213 -12.28 -24.81 -21.53
CA ALA B 213 -13.69 -25.12 -21.67
C ALA B 213 -13.89 -26.63 -21.50
N LYS B 214 -15.03 -27.00 -20.91
CA LYS B 214 -15.34 -28.42 -20.77
C LYS B 214 -15.65 -29.06 -22.13
N THR B 215 -16.22 -28.28 -23.05
CA THR B 215 -16.72 -28.79 -24.31
C THR B 215 -15.65 -28.85 -25.40
N ALA B 216 -14.40 -28.59 -25.06
CA ALA B 216 -13.31 -28.57 -26.04
C ALA B 216 -12.08 -29.23 -25.44
N PRO B 217 -11.10 -29.59 -26.27
CA PRO B 217 -9.85 -30.09 -25.74
C PRO B 217 -9.20 -29.07 -24.83
N PRO B 218 -8.52 -29.50 -23.77
CA PRO B 218 -7.89 -28.53 -22.87
C PRO B 218 -6.94 -27.60 -23.62
N VAL B 219 -6.98 -26.33 -23.27
CA VAL B 219 -6.01 -25.38 -23.79
C VAL B 219 -4.74 -25.47 -22.97
N THR B 220 -3.60 -25.38 -23.64
CA THR B 220 -2.31 -25.37 -22.97
C THR B 220 -1.48 -24.21 -23.48
N PRO B 221 -0.81 -23.48 -22.59
CA PRO B 221 0.16 -22.49 -23.07
C PRO B 221 1.27 -23.17 -23.85
N ASP B 222 1.75 -22.50 -24.89
CA ASP B 222 2.82 -23.02 -25.73
C ASP B 222 4.15 -22.35 -25.44
N HIS B 223 4.15 -21.01 -25.33
CA HIS B 223 5.38 -20.25 -25.22
C HIS B 223 5.04 -18.84 -24.77
N MET B 224 5.88 -18.26 -23.92
CA MET B 224 5.74 -16.86 -23.53
C MET B 224 7.12 -16.21 -23.55
N ALA B 225 7.13 -14.92 -23.84
CA ALA B 225 8.35 -14.13 -23.90
C ALA B 225 8.03 -12.71 -23.48
N LEU B 226 9.04 -12.03 -22.94
CA LEU B 226 8.93 -10.62 -22.61
C LEU B 226 9.39 -9.77 -23.78
N ILE B 227 8.65 -8.68 -24.06
CA ILE B 227 8.92 -7.84 -25.20
C ILE B 227 9.06 -6.39 -24.73
N GLY B 228 9.59 -5.56 -25.63
CA GLY B 228 9.70 -4.14 -25.38
C GLY B 228 10.96 -3.71 -24.67
N MET B 229 12.00 -4.54 -24.68
CA MET B 229 13.19 -4.31 -23.88
C MET B 229 14.27 -3.52 -24.62
N GLU B 230 13.92 -2.90 -25.75
CA GLU B 230 14.86 -2.09 -26.51
C GLU B 230 14.46 -0.62 -26.40
N LYS B 231 15.41 0.23 -26.06
CA LYS B 231 15.13 1.65 -25.94
C LYS B 231 14.76 2.22 -27.30
N LEU B 232 13.82 3.17 -27.29
CA LEU B 232 13.38 3.84 -28.50
C LEU B 232 14.37 4.93 -28.88
N ASP B 233 14.17 5.47 -30.10
CA ASP B 233 15.08 6.51 -30.58
C ASP B 233 15.14 7.70 -29.63
N CYS B 234 14.05 7.95 -28.89
CA CYS B 234 14.01 9.06 -27.94
C CYS B 234 14.85 8.81 -26.70
N GLY B 235 15.47 7.64 -26.59
CA GLY B 235 16.29 7.32 -25.44
C GLY B 235 15.56 6.68 -24.28
N ARG B 236 14.26 6.43 -24.41
CA ARG B 236 13.47 5.86 -23.36
C ARG B 236 12.83 4.54 -23.80
N TYR B 237 12.39 3.75 -22.84
CA TYR B 237 11.65 2.54 -23.15
C TYR B 237 10.18 2.86 -23.41
N THR B 238 9.54 1.97 -24.17
CA THR B 238 8.10 2.12 -24.45
C THR B 238 7.31 2.32 -23.16
N SER B 239 7.64 1.56 -22.13
CA SER B 239 6.93 1.59 -20.87
C SER B 239 7.88 1.22 -19.75
N ASP B 240 7.48 1.51 -18.50
CA ASP B 240 8.23 1.01 -17.36
C ASP B 240 7.93 -0.46 -17.08
N HIS B 241 6.97 -1.05 -17.80
CA HIS B 241 6.74 -2.49 -17.79
C HIS B 241 7.29 -3.11 -19.06
N TRP B 242 7.70 -4.36 -18.97
CA TRP B 242 7.91 -5.16 -20.17
C TRP B 242 6.56 -5.74 -20.57
N GLY B 243 6.35 -5.90 -21.88
CA GLY B 243 5.17 -6.57 -22.36
C GLY B 243 5.33 -8.07 -22.36
N ILE B 244 4.21 -8.79 -22.34
CA ILE B 244 4.20 -10.24 -22.45
C ILE B 244 3.61 -10.64 -23.80
N TYR B 245 4.31 -11.51 -24.52
CA TYR B 245 3.80 -12.20 -25.70
C TYR B 245 3.61 -13.65 -25.32
N CYS B 246 2.44 -14.22 -25.64
CA CYS B 246 2.16 -15.60 -25.29
C CYS B 246 1.28 -16.27 -26.33
N THR B 247 1.53 -17.55 -26.60
CA THR B 247 0.76 -18.34 -27.53
C THR B 247 0.14 -19.52 -26.80
N PHE B 248 -0.98 -20.00 -27.33
CA PHE B 248 -1.75 -21.09 -26.76
C PHE B 248 -2.03 -22.15 -27.82
N ASN B 249 -2.02 -23.41 -27.40
CA ASN B 249 -2.45 -24.52 -28.25
C ASN B 249 -3.95 -24.72 -28.03
N THR B 250 -4.74 -24.50 -29.07
CA THR B 250 -6.19 -24.74 -29.01
C THR B 250 -6.57 -25.87 -29.95
N SER C 1 24.49 -0.09 31.18
CA SER C 1 23.67 1.03 30.77
C SER C 1 22.17 0.69 30.85
N SER C 2 21.33 1.71 30.94
CA SER C 2 19.88 1.51 30.91
C SER C 2 19.39 1.12 29.52
N LYS C 3 20.29 0.89 28.57
CA LYS C 3 19.91 0.35 27.28
C LYS C 3 19.68 -1.14 27.42
N LEU C 4 18.50 -1.62 26.99
CA LEU C 4 18.26 -3.04 26.89
C LEU C 4 18.83 -3.55 25.57
N SER C 5 19.54 -4.67 25.62
CA SER C 5 20.07 -5.30 24.42
C SER C 5 19.43 -6.67 24.23
N ILE C 6 19.14 -7.01 22.97
CA ILE C 6 18.57 -8.31 22.66
C ILE C 6 19.30 -8.88 21.45
N ILE C 7 19.27 -10.20 21.34
CA ILE C 7 19.63 -10.90 20.11
C ILE C 7 18.46 -11.79 19.73
N SER C 8 18.14 -11.84 18.44
CA SER C 8 17.16 -12.78 17.91
C SER C 8 17.83 -13.57 16.79
N TRP C 9 17.66 -14.89 16.81
CA TRP C 9 18.38 -15.72 15.85
C TRP C 9 17.65 -17.05 15.64
N ASN C 10 17.31 -17.35 14.38
CA ASN C 10 16.95 -18.70 13.98
C ASN C 10 18.23 -19.48 13.78
N VAL C 11 18.46 -20.49 14.63
CA VAL C 11 19.74 -21.19 14.65
C VAL C 11 19.80 -22.34 13.65
N ASP C 12 18.73 -22.57 12.88
CA ASP C 12 18.74 -23.57 11.80
C ASP C 12 19.00 -24.97 12.33
N GLY C 13 18.32 -25.31 13.45
CA GLY C 13 18.50 -26.61 14.07
C GLY C 13 18.05 -27.78 13.22
N LEU C 14 17.25 -27.54 12.18
CA LEU C 14 16.81 -28.62 11.31
C LEU C 14 17.88 -28.99 10.28
N ASP C 15 18.95 -28.19 10.17
CA ASP C 15 20.12 -28.54 9.36
C ASP C 15 21.15 -29.12 10.32
N THR C 16 21.35 -30.44 10.27
CA THR C 16 22.19 -31.13 11.24
C THR C 16 23.66 -31.19 10.84
N ASN C 17 24.03 -30.64 9.69
CA ASN C 17 25.42 -30.66 9.26
C ASN C 17 26.26 -29.77 10.18
N ASN C 18 27.25 -30.37 10.82
CA ASN C 18 28.18 -29.64 11.70
C ASN C 18 27.45 -28.88 12.80
N LEU C 19 26.32 -29.42 13.27
CA LEU C 19 25.49 -28.68 14.20
C LEU C 19 26.25 -28.38 15.49
N SER C 20 27.09 -29.31 15.95
CA SER C 20 27.83 -29.10 17.20
C SER C 20 28.80 -27.94 17.07
N ASP C 21 29.55 -27.90 15.97
CA ASP C 21 30.47 -26.79 15.74
C ASP C 21 29.71 -25.49 15.58
N ARG C 22 28.54 -25.53 14.94
CA ARG C 22 27.74 -24.33 14.77
C ARG C 22 27.16 -23.87 16.10
N ALA C 23 26.75 -24.80 16.96
CA ALA C 23 26.28 -24.42 18.29
C ALA C 23 27.40 -23.76 19.09
N ARG C 24 28.62 -24.28 18.96
CA ARG C 24 29.76 -23.64 19.60
C ARG C 24 29.95 -22.23 19.09
N GLY C 25 29.75 -22.02 17.77
CA GLY C 25 29.89 -20.68 17.22
C GLY C 25 28.82 -19.74 17.72
N LEU C 26 27.56 -20.21 17.76
CA LEU C 26 26.50 -19.42 18.35
C LEU C 26 26.88 -18.98 19.76
N CYS C 27 27.33 -19.93 20.58
CA CYS C 27 27.68 -19.63 21.96
C CYS C 27 28.74 -18.54 22.03
N SER C 28 29.72 -18.58 21.14
CA SER C 28 30.77 -17.58 21.15
C SER C 28 30.25 -16.20 20.77
N TYR C 29 29.30 -16.13 19.83
CA TYR C 29 28.67 -14.85 19.52
C TYR C 29 27.89 -14.33 20.72
N LEU C 30 27.14 -15.20 21.40
CA LEU C 30 26.39 -14.78 22.57
C LEU C 30 27.30 -14.27 23.66
N ALA C 31 28.47 -14.90 23.82
CA ALA C 31 29.42 -14.43 24.82
C ALA C 31 30.01 -13.08 24.44
N LEU C 32 30.30 -12.88 23.15
CA LEU C 32 30.87 -11.61 22.69
C LEU C 32 29.93 -10.44 22.95
N TYR C 33 28.63 -10.63 22.68
CA TYR C 33 27.67 -9.55 22.82
C TYR C 33 27.02 -9.49 24.20
N THR C 34 26.98 -10.60 24.93
CA THR C 34 26.33 -10.70 26.24
C THR C 34 25.02 -9.90 26.28
N PRO C 35 24.06 -10.24 25.41
CA PRO C 35 22.79 -9.50 25.41
C PRO C 35 21.98 -9.75 26.67
N ASP C 36 21.15 -8.77 27.01
CA ASP C 36 20.24 -8.95 28.14
C ASP C 36 19.22 -10.06 27.87
N VAL C 37 18.76 -10.20 26.63
CA VAL C 37 17.76 -11.18 26.25
C VAL C 37 18.20 -11.83 24.94
N VAL C 38 17.99 -13.15 24.83
CA VAL C 38 18.19 -13.86 23.58
C VAL C 38 16.85 -14.50 23.19
N PHE C 39 16.41 -14.23 21.95
CA PHE C 39 15.27 -14.92 21.35
C PHE C 39 15.82 -15.91 20.33
N LEU C 40 15.48 -17.18 20.47
CA LEU C 40 16.00 -18.20 19.56
C LEU C 40 14.86 -18.98 18.94
N GLN C 41 15.04 -19.36 17.66
CA GLN C 41 14.08 -20.18 16.96
C GLN C 41 14.77 -21.38 16.32
N GLU C 42 13.98 -22.44 16.12
CA GLU C 42 14.44 -23.68 15.49
C GLU C 42 15.54 -24.35 16.32
N LEU C 43 15.43 -24.25 17.64
CA LEU C 43 16.23 -25.08 18.52
C LEU C 43 15.74 -26.53 18.47
N ILE C 44 16.65 -27.45 18.74
CA ILE C 44 16.28 -28.84 19.02
C ILE C 44 16.82 -29.21 20.39
N PRO C 45 16.36 -30.33 20.98
CA PRO C 45 16.78 -30.64 22.36
C PRO C 45 18.29 -30.67 22.55
N ALA C 46 19.05 -31.32 21.67
CA ALA C 46 20.50 -31.38 21.86
C ALA C 46 21.14 -30.00 21.80
N TYR C 47 20.56 -29.10 21.01
CA TYR C 47 21.10 -27.75 20.87
C TYR C 47 20.92 -26.95 22.15
N VAL C 48 19.70 -26.97 22.71
CA VAL C 48 19.43 -26.15 23.90
C VAL C 48 20.10 -26.77 25.13
N GLN C 49 20.30 -28.09 25.12
CA GLN C 49 21.02 -28.73 26.20
C GLN C 49 22.48 -28.26 26.23
N TYR C 50 23.11 -28.18 25.07
CA TYR C 50 24.47 -27.66 25.02
C TYR C 50 24.52 -26.21 25.52
N LEU C 51 23.58 -25.37 25.04
CA LEU C 51 23.55 -23.97 25.46
C LEU C 51 23.35 -23.88 26.97
N LYS C 52 22.48 -24.71 27.53
CA LYS C 52 22.23 -24.64 28.97
C LYS C 52 23.48 -24.98 29.76
N LYS C 53 24.30 -25.90 29.25
CA LYS C 53 25.52 -26.26 29.96
C LYS C 53 26.58 -25.17 29.87
N ARG C 54 26.60 -24.42 28.77
CA ARG C 54 27.61 -23.39 28.57
C ARG C 54 27.20 -22.03 29.13
N ALA C 55 25.99 -21.57 28.79
CA ALA C 55 25.57 -20.21 29.10
C ALA C 55 24.96 -20.14 30.51
N VAL C 56 25.82 -20.40 31.50
CA VAL C 56 25.35 -20.51 32.87
C VAL C 56 24.91 -19.19 33.47
N SER C 57 25.23 -18.07 32.83
CA SER C 57 24.78 -16.77 33.32
C SER C 57 23.41 -16.38 32.79
N TYR C 58 22.72 -17.30 32.12
CA TYR C 58 21.39 -17.05 31.59
C TYR C 58 20.38 -18.06 32.13
N LEU C 59 19.16 -17.58 32.37
CA LEU C 59 17.99 -18.42 32.60
C LEU C 59 17.38 -18.79 31.25
N PHE C 60 16.85 -20.01 31.16
CA PHE C 60 16.30 -20.53 29.91
C PHE C 60 14.81 -20.82 29.99
N PHE C 61 14.11 -20.58 28.87
CA PHE C 61 12.71 -20.93 28.71
C PHE C 61 12.52 -21.39 27.27
N GLU C 62 11.71 -22.42 27.07
CA GLU C 62 11.55 -22.99 25.74
C GLU C 62 10.09 -23.19 25.39
N GLY C 63 9.81 -23.17 24.08
CA GLY C 63 8.46 -23.34 23.59
C GLY C 63 7.97 -24.77 23.51
N SER C 64 8.88 -25.73 23.67
CA SER C 64 8.53 -27.14 23.77
C SER C 64 9.76 -27.86 24.35
N ASP C 65 9.62 -29.15 24.61
CA ASP C 65 10.77 -29.98 24.98
C ASP C 65 11.04 -31.07 23.95
N ASP C 66 10.50 -30.92 22.74
CA ASP C 66 10.48 -31.99 21.77
C ASP C 66 10.30 -31.39 20.39
N GLY C 67 10.83 -32.07 19.37
CA GLY C 67 10.77 -31.54 18.02
C GLY C 67 11.75 -30.39 17.85
N TYR C 68 11.28 -29.31 17.23
CA TYR C 68 12.03 -28.06 17.17
C TYR C 68 11.14 -26.94 17.69
N PHE C 69 11.76 -25.91 18.26
CA PHE C 69 10.98 -24.99 19.08
C PHE C 69 11.80 -23.72 19.35
N THR C 70 11.14 -22.75 19.96
CA THR C 70 11.76 -21.48 20.30
C THR C 70 12.31 -21.49 21.71
N GLY C 71 13.05 -20.44 22.03
CA GLY C 71 13.57 -20.27 23.37
C GLY C 71 13.80 -18.81 23.67
N ILE C 72 13.81 -18.52 24.96
CA ILE C 72 14.16 -17.19 25.47
C ILE C 72 15.22 -17.37 26.54
N MET C 73 16.31 -16.63 26.42
CA MET C 73 17.34 -16.61 27.45
C MET C 73 17.37 -15.23 28.12
N LEU C 74 17.51 -15.22 29.45
CA LEU C 74 17.52 -13.98 30.21
C LEU C 74 18.82 -13.86 30.98
N ARG C 75 19.51 -12.74 30.84
CA ARG C 75 20.75 -12.49 31.55
C ARG C 75 20.45 -12.27 33.03
N LYS C 76 20.93 -13.18 33.87
CA LYS C 76 20.51 -13.21 35.28
C LYS C 76 20.90 -11.92 36.00
N SER C 77 22.05 -11.35 35.67
CA SER C 77 22.52 -10.14 36.35
C SER C 77 21.76 -8.89 35.95
N ARG C 78 20.95 -8.94 34.89
CA ARG C 78 20.31 -7.76 34.35
C ARG C 78 18.79 -7.84 34.32
N VAL C 79 18.22 -9.05 34.26
CA VAL C 79 16.80 -9.25 34.01
C VAL C 79 16.25 -10.18 35.08
N LYS C 80 15.17 -9.76 35.73
CA LYS C 80 14.50 -10.57 36.74
C LYS C 80 13.28 -11.24 36.14
N PHE C 81 13.19 -12.55 36.31
CA PHE C 81 12.08 -13.32 35.75
C PHE C 81 10.89 -13.30 36.69
N LEU C 82 9.70 -13.07 36.12
CA LEU C 82 8.47 -13.09 36.89
C LEU C 82 7.55 -14.24 36.55
N GLU C 83 7.36 -14.55 35.25
CA GLU C 83 6.42 -15.58 34.87
C GLU C 83 6.49 -15.82 33.37
N SER C 84 6.13 -17.03 32.92
CA SER C 84 6.18 -17.37 31.51
C SER C 84 4.95 -18.20 31.14
N GLU C 85 4.59 -18.17 29.87
CA GLU C 85 3.49 -18.96 29.37
C GLU C 85 3.70 -19.20 27.89
N ILE C 86 2.95 -20.17 27.36
CA ILE C 86 2.93 -20.48 25.93
C ILE C 86 1.49 -20.31 25.45
N ILE C 87 1.31 -19.57 24.36
CA ILE C 87 0.02 -19.44 23.70
C ILE C 87 0.02 -20.37 22.51
N CYS C 88 -1.02 -21.20 22.41
N CYS C 88 -0.98 -21.24 22.41
CA CYS C 88 -1.17 -22.16 21.34
CA CYS C 88 -0.99 -22.23 21.35
C CYS C 88 -1.50 -21.46 20.02
C CYS C 88 -1.61 -21.65 20.08
N PHE C 89 -1.09 -22.10 18.93
CA PHE C 89 -1.59 -21.76 17.60
C PHE C 89 -2.42 -22.96 17.15
N PRO C 90 -3.75 -22.95 17.33
CA PRO C 90 -4.51 -24.21 17.22
C PRO C 90 -4.44 -24.87 15.85
N THR C 91 -4.17 -24.12 14.76
CA THR C 91 -4.21 -24.70 13.43
C THR C 91 -2.82 -24.78 12.78
N THR C 92 -1.76 -24.70 13.57
CA THR C 92 -0.42 -24.86 13.03
C THR C 92 -0.22 -26.28 12.50
N GLN C 93 0.53 -26.41 11.41
CA GLN C 93 0.97 -27.70 10.90
C GLN C 93 2.38 -28.04 11.34
N MET C 94 3.03 -27.14 12.10
CA MET C 94 4.47 -27.22 12.31
C MET C 94 4.84 -26.94 13.76
N MET C 95 3.93 -27.16 14.70
CA MET C 95 4.18 -27.08 16.14
C MET C 95 4.54 -25.65 16.58
N ARG C 96 4.13 -24.65 15.82
CA ARG C 96 4.46 -23.28 16.14
C ARG C 96 3.55 -22.77 17.25
N ASN C 97 4.08 -21.84 18.04
CA ASN C 97 3.32 -21.26 19.14
C ASN C 97 3.95 -19.91 19.50
N LEU C 98 3.45 -19.31 20.58
CA LEU C 98 3.94 -18.02 21.06
C LEU C 98 4.44 -18.18 22.48
N LEU C 99 5.73 -17.92 22.68
CA LEU C 99 6.38 -18.06 23.98
C LEU C 99 6.55 -16.68 24.60
N ILE C 100 6.09 -16.52 25.84
CA ILE C 100 6.05 -15.21 26.49
C ILE C 100 6.73 -15.31 27.84
N ALA C 101 7.63 -14.38 28.10
CA ALA C 101 8.27 -14.26 29.42
C ALA C 101 8.04 -12.85 29.95
N GLN C 102 7.46 -12.77 31.15
CA GLN C 102 7.28 -11.50 31.85
C GLN C 102 8.45 -11.30 32.78
N VAL C 103 9.08 -10.13 32.69
CA VAL C 103 10.31 -9.83 33.42
C VAL C 103 10.27 -8.38 33.88
N THR C 104 11.22 -8.04 34.77
CA THR C 104 11.48 -6.66 35.12
C THR C 104 12.91 -6.33 34.71
N PHE C 105 13.11 -5.14 34.17
CA PHE C 105 14.42 -4.64 33.76
C PHE C 105 14.56 -3.24 34.34
N SER C 106 15.45 -3.08 35.31
CA SER C 106 15.66 -1.79 35.97
C SER C 106 14.34 -1.16 36.41
N GLY C 107 13.53 -1.94 37.11
CA GLY C 107 12.27 -1.46 37.64
C GLY C 107 11.16 -1.29 36.63
N GLN C 108 11.36 -1.73 35.38
CA GLN C 108 10.33 -1.63 34.35
C GLN C 108 9.91 -3.03 33.93
N LYS C 109 8.61 -3.27 33.85
CA LYS C 109 8.10 -4.56 33.42
C LYS C 109 8.17 -4.68 31.91
N LEU C 110 8.62 -5.83 31.44
CA LEU C 110 8.65 -6.12 30.01
C LEU C 110 7.91 -7.44 29.78
N TYR C 111 7.21 -7.52 28.65
CA TYR C 111 6.68 -8.78 28.15
C TYR C 111 7.49 -9.13 26.92
N LEU C 112 8.29 -10.19 27.02
CA LEU C 112 9.16 -10.67 25.94
C LEU C 112 8.47 -11.82 25.24
N MET C 113 8.36 -11.73 23.91
CA MET C 113 7.63 -12.73 23.14
C MET C 113 8.42 -13.18 21.93
N THR C 114 8.31 -14.47 21.61
CA THR C 114 8.94 -14.96 20.39
C THR C 114 8.07 -16.05 19.77
N SER C 115 8.13 -16.11 18.44
CA SER C 115 7.45 -17.13 17.67
C SER C 115 8.26 -17.41 16.42
N HIS C 116 8.06 -18.60 15.87
CA HIS C 116 8.59 -19.02 14.58
C HIS C 116 7.32 -19.22 13.75
N LEU C 117 6.83 -18.15 13.11
CA LEU C 117 5.54 -18.24 12.43
C LEU C 117 5.61 -19.25 11.29
N GLU C 118 4.45 -19.84 10.98
CA GLU C 118 4.33 -20.90 9.99
C GLU C 118 5.18 -20.62 8.77
N SER C 119 5.90 -21.65 8.32
CA SER C 119 6.85 -21.50 7.24
C SER C 119 6.22 -21.73 5.86
N THR C 120 6.93 -21.26 4.84
CA THR C 120 6.66 -21.47 3.42
C THR C 120 5.62 -20.49 2.87
N ARG C 121 5.78 -20.12 1.60
CA ARG C 121 4.86 -19.17 0.98
C ARG C 121 3.42 -19.69 1.01
N ASN C 122 3.23 -20.99 0.77
CA ASN C 122 1.88 -21.53 0.61
C ASN C 122 1.11 -21.67 1.91
N GLN C 123 1.75 -21.53 3.07
CA GLN C 123 1.03 -21.43 4.33
C GLN C 123 0.70 -19.99 4.70
N SER C 124 0.64 -19.09 3.72
CA SER C 124 0.39 -17.69 4.00
C SER C 124 -0.84 -17.48 4.85
N GLN C 125 -1.91 -18.22 4.59
CA GLN C 125 -3.15 -18.01 5.35
C GLN C 125 -2.96 -18.34 6.82
N GLU C 126 -2.37 -19.49 7.12
CA GLU C 126 -2.12 -19.85 8.52
C GLU C 126 -1.17 -18.85 9.17
N ARG C 127 -0.17 -18.37 8.41
CA ARG C 127 0.79 -17.43 8.97
C ARG C 127 0.12 -16.12 9.36
N THR C 128 -0.81 -15.65 8.54
CA THR C 128 -1.52 -14.42 8.87
C THR C 128 -2.46 -14.61 10.05
N LYS C 129 -3.06 -15.81 10.20
CA LYS C 129 -3.87 -16.08 11.37
C LYS C 129 -3.01 -16.05 12.64
N GLN C 130 -1.80 -16.62 12.56
CA GLN C 130 -0.89 -16.57 13.69
C GLN C 130 -0.44 -15.15 13.99
N LEU C 131 -0.16 -14.36 12.94
CA LEU C 131 0.20 -12.96 13.14
C LEU C 131 -0.89 -12.21 13.90
N ARG C 132 -2.15 -12.48 13.56
CA ARG C 132 -3.24 -11.81 14.26
C ARG C 132 -3.22 -12.13 15.75
N VAL C 133 -2.97 -13.39 16.10
CA VAL C 133 -2.88 -13.77 17.51
C VAL C 133 -1.76 -12.99 18.19
N VAL C 134 -0.58 -12.96 17.56
CA VAL C 134 0.56 -12.26 18.15
C VAL C 134 0.24 -10.78 18.35
N LEU C 135 -0.24 -10.13 17.31
CA LEU C 135 -0.53 -8.70 17.41
C LEU C 135 -1.59 -8.42 18.45
N GLN C 136 -2.57 -9.32 18.58
CA GLN C 136 -3.58 -9.14 19.62
C GLN C 136 -2.97 -9.26 21.00
N LYS C 137 -2.04 -10.21 21.17
CA LYS C 137 -1.40 -10.38 22.48
C LYS C 137 -0.54 -9.18 22.82
N ILE C 138 0.15 -8.60 21.82
CA ILE C 138 0.94 -7.40 22.05
C ILE C 138 0.01 -6.26 22.47
N LYS C 139 -1.05 -6.03 21.70
CA LYS C 139 -1.96 -4.92 21.97
C LYS C 139 -2.61 -5.05 23.34
N GLU C 140 -2.94 -6.28 23.74
CA GLU C 140 -3.68 -6.50 24.97
C GLU C 140 -2.79 -6.59 26.22
N ALA C 141 -1.47 -6.57 26.06
CA ALA C 141 -0.58 -6.75 27.20
C ALA C 141 -0.81 -5.66 28.25
N PRO C 142 -0.64 -5.98 29.53
CA PRO C 142 -0.88 -4.99 30.59
C PRO C 142 -0.17 -3.66 30.30
N GLU C 143 -0.87 -2.56 30.59
CA GLU C 143 -0.39 -1.26 30.16
C GLU C 143 0.80 -0.76 30.98
N ASP C 144 1.16 -1.44 32.06
CA ASP C 144 2.38 -1.06 32.77
C ASP C 144 3.64 -1.66 32.14
N ALA C 145 3.53 -2.34 31.00
CA ALA C 145 4.63 -3.12 30.47
C ALA C 145 5.02 -2.71 29.07
N ILE C 146 6.33 -2.70 28.82
CA ILE C 146 6.87 -2.69 27.47
C ILE C 146 6.70 -4.08 26.88
N VAL C 147 6.39 -4.14 25.59
CA VAL C 147 6.30 -5.41 24.87
C VAL C 147 7.36 -5.44 23.77
N ILE C 148 8.15 -6.50 23.76
CA ILE C 148 9.11 -6.75 22.69
C ILE C 148 8.82 -8.14 22.12
N PHE C 149 8.42 -8.18 20.86
CA PHE C 149 8.34 -9.43 20.12
C PHE C 149 9.48 -9.49 19.12
N ALA C 150 10.19 -10.62 19.09
CA ALA C 150 11.25 -10.85 18.12
C ALA C 150 11.17 -12.29 17.67
N GLY C 151 11.27 -12.51 16.37
CA GLY C 151 11.24 -13.89 15.91
C GLY C 151 11.41 -13.97 14.42
N ASP C 152 11.42 -15.22 13.95
CA ASP C 152 11.44 -15.56 12.52
C ASP C 152 9.99 -15.64 12.09
N THR C 153 9.50 -14.56 11.48
CA THR C 153 8.09 -14.43 11.19
C THR C 153 7.71 -14.97 9.82
N ASN C 154 8.69 -15.21 8.96
CA ASN C 154 8.46 -15.67 7.59
C ASN C 154 7.50 -14.75 6.84
N LEU C 155 7.41 -13.49 7.25
CA LEU C 155 6.36 -12.62 6.73
C LEU C 155 6.75 -11.97 5.42
N ARG C 156 5.77 -11.83 4.54
CA ARG C 156 5.81 -10.91 3.42
C ARG C 156 5.04 -9.65 3.79
N ASP C 157 5.46 -8.52 3.24
CA ASP C 157 4.83 -7.25 3.61
C ASP C 157 3.32 -7.29 3.41
N ALA C 158 2.87 -7.97 2.35
CA ALA C 158 1.43 -8.01 2.06
C ALA C 158 0.66 -8.71 3.15
N GLU C 159 1.30 -9.65 3.86
CA GLU C 159 0.61 -10.37 4.91
C GLU C 159 0.33 -9.47 6.12
N VAL C 160 1.23 -8.54 6.43
CA VAL C 160 0.94 -7.55 7.46
C VAL C 160 -0.18 -6.63 7.01
N ALA C 161 -0.13 -6.18 5.76
CA ALA C 161 -1.18 -5.31 5.26
C ALA C 161 -2.54 -6.00 5.32
N ASN C 162 -2.58 -7.30 5.04
CA ASN C 162 -3.84 -8.02 4.98
C ASN C 162 -4.55 -8.11 6.32
N VAL C 163 -3.83 -8.03 7.44
CA VAL C 163 -4.47 -8.04 8.76
C VAL C 163 -4.77 -6.61 9.17
N GLY C 164 -4.55 -5.66 8.25
CA GLY C 164 -4.81 -4.27 8.53
C GLY C 164 -3.65 -3.51 9.11
N GLY C 165 -2.44 -4.04 9.04
CA GLY C 165 -1.29 -3.36 9.57
C GLY C 165 -1.09 -3.62 11.05
N LEU C 166 -0.05 -3.00 11.57
CA LEU C 166 0.26 -3.12 12.99
C LEU C 166 -0.71 -2.27 13.82
N PRO C 167 -1.08 -2.74 15.02
CA PRO C 167 -2.00 -1.95 15.85
C PRO C 167 -1.35 -0.64 16.26
N ALA C 168 -2.20 0.35 16.53
CA ALA C 168 -1.72 1.63 17.05
C ALA C 168 -0.79 1.39 18.23
N GLY C 169 0.33 2.11 18.24
CA GLY C 169 1.30 1.98 19.31
C GLY C 169 2.32 0.87 19.13
N VAL C 170 2.13 0.00 18.15
CA VAL C 170 3.06 -1.10 17.87
C VAL C 170 3.84 -0.75 16.61
N CYS C 171 5.18 -0.83 16.69
CA CYS C 171 6.01 -0.52 15.54
C CYS C 171 6.93 -1.67 15.19
N ASP C 172 7.36 -1.66 13.93
CA ASP C 172 8.42 -2.53 13.43
C ASP C 172 9.74 -1.81 13.63
N VAL C 173 10.63 -2.40 14.42
CA VAL C 173 11.84 -1.68 14.84
C VAL C 173 12.69 -1.31 13.63
N TRP C 174 12.82 -2.22 12.66
CA TRP C 174 13.58 -1.90 11.45
C TRP C 174 12.98 -0.69 10.73
N GLU C 175 11.64 -0.65 10.61
CA GLU C 175 11.00 0.50 10.00
C GLU C 175 11.21 1.76 10.84
N GLN C 176 11.06 1.65 12.16
CA GLN C 176 11.17 2.82 13.04
C GLN C 176 12.58 3.40 13.01
N LEU C 177 13.60 2.55 12.95
CA LEU C 177 14.97 3.04 12.84
C LEU C 177 15.19 3.74 11.51
N GLY C 178 14.45 3.34 10.47
CA GLY C 178 14.50 4.08 9.23
C GLY C 178 13.98 5.50 9.39
N LYS C 179 12.86 5.65 10.10
CA LYS C 179 12.33 6.98 10.37
C LYS C 179 13.25 7.78 11.29
N GLN C 180 14.07 7.10 12.09
CA GLN C 180 15.04 7.76 12.94
C GLN C 180 16.38 7.87 12.23
N LYS C 202 15.34 -11.79 -2.04
CA LYS C 202 15.67 -11.56 -0.64
C LYS C 202 14.53 -10.85 0.07
N LEU C 203 14.09 -11.40 1.20
CA LEU C 203 13.00 -10.84 1.98
C LEU C 203 13.49 -10.54 3.39
N ARG C 204 12.55 -10.18 4.28
CA ARG C 204 12.85 -9.74 5.64
C ARG C 204 11.97 -10.55 6.58
N PHE C 205 12.38 -11.80 6.86
CA PHE C 205 11.58 -12.69 7.70
C PHE C 205 11.76 -12.40 9.18
N ASP C 206 12.97 -12.08 9.60
CA ASP C 206 13.25 -11.81 11.01
C ASP C 206 12.85 -10.37 11.32
N ARG C 207 11.93 -10.20 12.26
CA ARG C 207 11.41 -8.88 12.59
C ARG C 207 11.21 -8.76 14.09
N ILE C 208 11.23 -7.51 14.53
CA ILE C 208 11.03 -7.14 15.94
C ILE C 208 9.87 -6.15 16.00
N PHE C 209 8.87 -6.45 16.83
CA PHE C 209 7.76 -5.54 17.08
C PHE C 209 7.88 -5.00 18.50
N LEU C 210 7.55 -3.72 18.67
CA LEU C 210 7.77 -3.02 19.94
C LEU C 210 6.52 -2.22 20.31
N ARG C 211 6.08 -2.36 21.56
CA ARG C 211 5.03 -1.52 22.12
C ARG C 211 5.55 -0.96 23.44
N SER C 212 5.47 0.35 23.60
CA SER C 212 5.82 0.97 24.88
C SER C 212 4.78 0.65 25.94
N ALA C 213 5.17 0.85 27.19
CA ALA C 213 4.20 0.88 28.26
C ALA C 213 3.45 2.20 28.21
N LYS C 214 2.20 2.18 28.66
CA LYS C 214 1.44 3.41 28.71
C LYS C 214 1.94 4.31 29.84
N THR C 215 2.53 3.70 30.88
CA THR C 215 2.85 4.42 32.10
C THR C 215 4.34 4.68 32.28
N ALA C 216 5.11 4.63 31.19
CA ALA C 216 6.54 4.90 31.26
C ALA C 216 6.97 5.60 29.99
N PRO C 217 8.01 6.43 30.03
CA PRO C 217 8.43 7.19 28.83
C PRO C 217 8.57 6.24 27.66
N PRO C 218 8.31 6.70 26.43
CA PRO C 218 8.33 5.79 25.29
C PRO C 218 9.67 5.10 25.15
N VAL C 219 9.63 3.85 24.72
CA VAL C 219 10.84 3.12 24.36
C VAL C 219 11.17 3.46 22.91
N THR C 220 12.43 3.77 22.65
CA THR C 220 12.85 3.99 21.28
C THR C 220 13.96 3.00 20.90
N PRO C 221 13.88 2.36 19.73
CA PRO C 221 15.03 1.58 19.27
C PRO C 221 16.24 2.49 19.10
N ASP C 222 17.41 1.95 19.44
CA ASP C 222 18.65 2.71 19.34
C ASP C 222 19.45 2.30 18.11
N HIS C 223 19.77 1.02 18.00
CA HIS C 223 20.58 0.53 16.90
C HIS C 223 20.23 -0.93 16.66
N MET C 224 20.34 -1.35 15.40
CA MET C 224 20.09 -2.73 14.98
C MET C 224 21.21 -3.14 14.04
N ALA C 225 21.71 -4.36 14.22
CA ALA C 225 22.80 -4.85 13.41
C ALA C 225 22.61 -6.34 13.12
N LEU C 226 23.07 -6.77 11.96
CA LEU C 226 23.11 -8.18 11.60
C LEU C 226 24.40 -8.78 12.11
N ILE C 227 24.32 -10.00 12.66
CA ILE C 227 25.48 -10.66 13.26
C ILE C 227 25.57 -12.09 12.75
N GLY C 228 26.73 -12.70 13.00
CA GLY C 228 26.95 -14.09 12.65
C GLY C 228 27.44 -14.30 11.24
N MET C 229 28.04 -13.28 10.64
CA MET C 229 28.38 -13.28 9.22
C MET C 229 29.79 -13.81 8.95
N GLU C 230 30.53 -14.21 9.98
CA GLU C 230 31.85 -14.80 9.80
C GLU C 230 31.72 -16.30 9.66
N LYS C 231 32.23 -16.85 8.56
CA LYS C 231 32.21 -18.29 8.36
C LYS C 231 33.08 -18.99 9.39
N LEU C 232 32.55 -20.07 9.95
CA LEU C 232 33.23 -20.79 11.00
C LEU C 232 34.32 -21.69 10.42
N ASP C 233 35.19 -22.19 11.31
CA ASP C 233 36.33 -22.98 10.87
C ASP C 233 35.89 -24.21 10.07
N CYS C 234 34.74 -24.78 10.39
CA CYS C 234 34.26 -25.95 9.67
C CYS C 234 33.87 -25.64 8.24
N GLY C 235 33.84 -24.36 7.85
CA GLY C 235 33.45 -24.00 6.51
C GLY C 235 31.97 -23.73 6.32
N ARG C 236 31.21 -23.70 7.41
CA ARG C 236 29.81 -23.32 7.37
C ARG C 236 29.59 -22.11 8.26
N TYR C 237 28.53 -21.36 7.98
CA TYR C 237 28.09 -20.30 8.87
C TYR C 237 27.29 -20.90 10.02
N THR C 238 27.21 -20.15 11.12
CA THR C 238 26.46 -20.61 12.28
C THR C 238 25.04 -21.02 11.90
N SER C 239 24.40 -20.23 11.02
CA SER C 239 23.05 -20.50 10.58
C SER C 239 22.87 -19.96 9.17
N ASP C 240 21.85 -20.46 8.48
CA ASP C 240 21.47 -19.85 7.21
C ASP C 240 20.76 -18.53 7.41
N HIS C 241 20.44 -18.16 8.66
CA HIS C 241 20.00 -16.82 9.00
C HIS C 241 21.17 -16.04 9.60
N TRP C 242 21.20 -14.73 9.33
CA TRP C 242 21.96 -13.86 10.22
C TRP C 242 21.19 -13.63 11.50
N GLY C 243 21.90 -13.43 12.60
CA GLY C 243 21.27 -12.99 13.82
C GLY C 243 21.06 -11.48 13.81
N ILE C 244 20.19 -11.01 14.70
CA ILE C 244 19.93 -9.58 14.86
C ILE C 244 20.31 -9.21 16.27
N TYR C 245 21.15 -8.18 16.40
CA TYR C 245 21.42 -7.50 17.67
C TYR C 245 20.69 -6.17 17.65
N CYS C 246 19.93 -5.87 18.71
CA CYS C 246 19.17 -4.63 18.76
C CYS C 246 19.17 -4.08 20.18
N THR C 247 19.32 -2.76 20.30
CA THR C 247 19.29 -2.09 21.58
C THR C 247 18.10 -1.14 21.64
N PHE C 248 17.62 -0.91 22.86
CA PHE C 248 16.45 -0.08 23.12
C PHE C 248 16.75 0.93 24.22
N ASN C 249 16.34 2.17 23.99
CA ASN C 249 16.41 3.21 25.02
C ASN C 249 15.18 3.10 25.90
N THR C 250 15.39 2.86 27.19
CA THR C 250 14.30 2.70 28.14
C THR C 250 14.28 3.85 29.14
MG MG D . 5.08 24.63 4.83
C1 EDO E . -14.17 3.15 -1.03
O1 EDO E . -15.16 4.19 -1.08
C2 EDO E . -12.89 3.64 -1.68
O2 EDO E . -13.21 4.23 -2.95
H11 EDO E . -13.97 2.88 0.01
H12 EDO E . -14.54 2.26 -1.55
HO1 EDO E . -16.03 3.80 -0.94
H21 EDO E . -12.20 2.81 -1.84
H22 EDO E . -12.39 4.38 -1.05
HO2 EDO E . -12.42 4.61 -3.34
C1 EDO F . -19.84 30.33 -3.12
O1 EDO F . -20.52 30.77 -1.94
C2 EDO F . -20.33 31.15 -4.29
O2 EDO F . -21.71 30.81 -4.54
H11 EDO F . -20.04 29.27 -3.30
H12 EDO F . -18.76 30.45 -3.00
HO1 EDO F . -20.21 30.28 -1.17
H21 EDO F . -20.25 32.22 -4.06
H22 EDO F . -19.73 30.95 -5.18
HO2 EDO F . -22.22 31.62 -4.68
C1 EDO G . -1.27 7.73 11.44
O1 EDO G . -2.10 8.27 12.46
C2 EDO G . -0.61 8.87 10.66
O2 EDO G . 0.34 8.34 9.73
H11 EDO G . -0.49 7.09 11.88
H12 EDO G . -1.86 7.12 10.76
HO1 EDO G . -2.59 7.56 12.89
H21 EDO G . -1.37 9.44 10.12
H22 EDO G . -0.11 9.55 11.36
HO2 EDO G . 0.81 9.07 9.30
C1 EDO H . -10.80 36.20 11.22
O1 EDO H . -9.67 36.94 10.76
C2 EDO H . -11.31 36.81 12.53
O2 EDO H . -11.43 38.24 12.39
H11 EDO H . -11.59 36.23 10.47
H12 EDO H . -10.52 35.15 11.39
HO1 EDO H . -9.04 36.34 10.32
H21 EDO H . -12.28 36.38 12.78
H22 EDO H . -10.61 36.59 13.33
HO2 EDO H . -11.65 38.63 13.24
C1 EDO I . -30.46 15.54 6.03
O1 EDO I . -31.59 15.08 5.28
C2 EDO I . -30.95 16.06 7.38
O2 EDO I . -31.93 17.09 7.20
H11 EDO I . -29.75 14.73 6.17
H12 EDO I . -29.96 16.34 5.49
HO1 EDO I . -31.28 14.58 4.52
H21 EDO I . -31.39 15.23 7.95
H22 EDO I . -30.11 16.44 7.95
HO2 EDO I . -32.24 17.40 8.06
C1 EDO J . -12.04 32.16 -7.48
O1 EDO J . -10.75 32.77 -7.57
C2 EDO J . -12.90 32.92 -6.48
O2 EDO J . -13.18 34.23 -6.99
H11 EDO J . -12.52 32.15 -8.45
H12 EDO J . -11.93 31.11 -7.15
HO1 EDO J . -10.20 32.26 -8.18
H21 EDO J . -13.84 32.39 -6.31
H22 EDO J . -12.38 33.00 -5.52
HO2 EDO J . -13.72 34.72 -6.35
C1 EDO K . -3.59 15.22 -12.76
O1 EDO K . -4.61 14.61 -13.55
C2 EDO K . -2.26 15.16 -13.49
O2 EDO K . -2.36 15.86 -14.73
H11 EDO K . -3.86 16.26 -12.56
H12 EDO K . -3.52 14.71 -11.79
HO1 EDO K . -5.45 14.61 -13.07
H21 EDO K . -1.48 15.61 -12.87
H22 EDO K . -1.98 14.13 -13.66
HO2 EDO K . -1.53 15.75 -15.23
C1 EDO L . -6.06 11.09 -14.82
O1 EDO L . -6.40 12.40 -14.35
C2 EDO L . -5.35 11.19 -16.16
O2 EDO L . -4.11 11.89 -16.00
H11 EDO L . -5.41 10.60 -14.10
H12 EDO L . -6.96 10.49 -14.92
HO1 EDO L . -6.87 12.34 -13.51
H21 EDO L . -5.15 10.19 -16.56
H22 EDO L . -5.99 11.71 -16.88
HO2 EDO L . -3.66 11.95 -16.86
MG MG M . 2.33 3.95 -14.84
C1 EDO N . -14.30 -5.37 -4.57
O1 EDO N . -15.02 -5.62 -5.77
C2 EDO N . -13.13 -4.46 -4.87
O2 EDO N . -13.60 -3.16 -5.29
H11 EDO N . -14.96 -4.90 -3.82
H12 EDO N . -13.94 -6.31 -4.13
HO1 EDO N . -15.81 -6.16 -5.57
H21 EDO N . -12.50 -4.36 -3.98
H22 EDO N . -12.53 -4.90 -5.67
HO2 EDO N . -12.84 -2.59 -5.46
C1 EDO O . 6.52 -11.71 -7.42
O1 EDO O . 7.65 -11.06 -8.04
C2 EDO O . 5.48 -10.68 -7.03
O2 EDO O . 4.97 -10.04 -8.21
H11 EDO O . 6.11 -12.44 -8.11
H12 EDO O . 6.86 -12.25 -6.53
HO1 EDO O . 8.34 -11.71 -8.23
H21 EDO O . 4.65 -11.18 -6.50
H22 EDO O . 5.90 -9.94 -6.36
HO2 EDO O . 4.36 -9.33 -7.96
C1 MLI P . 5.42 -15.19 -6.46
C2 MLI P . 4.23 -14.56 -5.74
C3 MLI P . 5.07 -15.47 -7.93
O6 MLI P . 3.40 -13.87 -6.39
O7 MLI P . 4.08 -14.74 -4.49
O8 MLI P . 4.11 -16.24 -8.21
O9 MLI P . 5.74 -14.93 -8.84
H11 MLI P . 5.65 -16.03 -6.03
H12 MLI P . 6.17 -14.58 -6.42
MG MG Q . 16.33 -24.10 8.95
C1 EDO R . 6.03 -21.53 29.47
O1 EDO R . 5.89 -21.92 30.83
C2 EDO R . 7.39 -21.98 28.95
O2 EDO R . 8.42 -21.40 29.76
H11 EDO R . 5.23 -21.97 28.87
H12 EDO R . 5.95 -20.44 29.39
HO1 EDO R . 5.07 -21.54 31.20
H21 EDO R . 7.45 -23.07 28.99
H22 EDO R . 7.51 -21.67 27.91
HO2 EDO R . 9.28 -21.73 29.45
C1 EDO S . -0.15 2.23 23.74
O1 EDO S . -0.24 1.03 24.52
C2 EDO S . 1.18 2.27 23.00
O2 EDO S . 2.26 2.27 23.95
H11 EDO S . -0.97 2.26 23.03
H12 EDO S . -0.24 3.09 24.39
HO1 EDO S . -1.10 0.98 24.96
H21 EDO S . 1.26 1.40 22.35
H22 EDO S . 1.23 3.16 22.38
HO2 EDO S . 3.10 2.31 23.47
#